data_7CLF
#
_entry.id   7CLF
#
_cell.length_a   43.900
_cell.length_b   109.200
_cell.length_c   63.900
_cell.angle_alpha   90.000
_cell.angle_beta   93.100
_cell.angle_gamma   90.000
#
_symmetry.space_group_name_H-M   'P 1 21 1'
#
loop_
_entity.id
_entity.type
_entity.pdbx_description
1 polymer 'Methyltransferase domain-containing protein'
2 non-polymer 'ACETATE ION'
3 non-polymer S-ADENOSYL-L-HOMOCYSTEINE
4 water water
#
_entity_poly.entity_id   1
_entity_poly.type   'polypeptide(L)'
_entity_poly.pdbx_seq_one_letter_code
;MPLTKQDAVNQMMGFFQAKALTAALALKLFDQLRDRDADAAHIAARLDCPARSTEQLLIALRAMGYLDQRDGLYHLPAAH
RAFLLSDEPQWLGWLGRHIDTFLYPLWGELKTAVRNDAHQRRTVFGDDRSWFDILYQNPDDVADFQEFLGKFAAPFIAGF
VRDYDFSQHRAFLDIGSGIGSLPMAIADAYPGIALAICELPQASAFLRDKLTLQGYGERIDVVEGDVISGDLPIGGYDLI
HLGWMLHDYAPETQLTILRNIYRAMPAGGRFIASETPLNEDKSGPEFTALLSLNMLVSTDGGIESSAQEYLDRFRLAGFS
NARIMKIAGPRTLIVGEKLEHHHHHH
;
_entity_poly.pdbx_strand_id   A,B
#
loop_
_chem_comp.id
_chem_comp.type
_chem_comp.name
_chem_comp.formula
ACT non-polymer 'ACETATE ION' 'C2 H3 O2 -1'
#
# COMPACT_ATOMS: atom_id res chain seq x y z
N LEU A 3 16.32 -9.41 6.03
CA LEU A 3 15.46 -9.26 4.85
C LEU A 3 16.26 -9.16 3.56
N THR A 4 15.61 -9.45 2.44
CA THR A 4 16.27 -9.43 1.14
C THR A 4 15.79 -8.25 0.31
N LYS A 5 16.49 -8.03 -0.80
CA LYS A 5 16.05 -7.04 -1.77
C LYS A 5 14.64 -7.34 -2.24
N GLN A 6 14.31 -8.62 -2.42
CA GLN A 6 12.98 -8.98 -2.91
C GLN A 6 11.90 -8.64 -1.89
N ASP A 7 12.19 -8.83 -0.60
CA ASP A 7 11.24 -8.45 0.46
C ASP A 7 10.92 -6.96 0.39
N ALA A 8 11.95 -6.13 0.17
CA ALA A 8 11.74 -4.69 0.09
C ALA A 8 10.85 -4.33 -1.09
N VAL A 9 11.10 -4.92 -2.25
CA VAL A 9 10.26 -4.66 -3.42
C VAL A 9 8.81 -5.08 -3.14
N ASN A 10 8.62 -6.24 -2.51
CA ASN A 10 7.26 -6.69 -2.18
C ASN A 10 6.56 -5.68 -1.30
N GLN A 11 7.23 -5.25 -0.24
CA GLN A 11 6.65 -4.29 0.69
C GLN A 11 6.45 -2.93 0.03
N MET A 12 7.43 -2.48 -0.76
CA MET A 12 7.26 -1.21 -1.45
C MET A 12 6.04 -1.20 -2.35
N MET A 13 5.68 -2.36 -2.90
CA MET A 13 4.51 -2.49 -3.78
C MET A 13 3.30 -3.09 -3.06
N GLY A 14 3.34 -3.14 -1.72
CA GLY A 14 2.24 -3.65 -0.91
C GLY A 14 0.95 -2.86 -1.02
N PHE A 15 0.99 -1.66 -1.61
CA PHE A 15 -0.25 -0.95 -1.90
C PHE A 15 -1.04 -1.62 -3.03
N PHE A 16 -0.39 -2.49 -3.83
CA PHE A 16 -1.11 -3.27 -4.84
C PHE A 16 -2.17 -4.14 -4.18
N GLN A 17 -1.74 -4.98 -3.24
CA GLN A 17 -2.66 -5.87 -2.52
C GLN A 17 -3.72 -5.07 -1.80
N ALA A 18 -3.32 -3.96 -1.19
CA ALA A 18 -4.23 -3.21 -0.34
C ALA A 18 -5.41 -2.68 -1.14
N LYS A 19 -5.15 -2.08 -2.30
CA LYS A 19 -6.24 -1.58 -3.13
C LYS A 19 -6.99 -2.69 -3.86
N ALA A 20 -6.33 -3.83 -4.14
CA ALA A 20 -7.11 -4.92 -4.73
C ALA A 20 -8.23 -5.31 -3.78
N LEU A 21 -7.94 -5.37 -2.48
CA LEU A 21 -8.94 -5.74 -1.50
C LEU A 21 -9.95 -4.62 -1.29
N THR A 22 -9.50 -3.36 -1.14
CA THR A 22 -10.49 -2.34 -0.85
C THR A 22 -11.37 -2.08 -2.06
N ALA A 23 -10.83 -2.19 -3.28
CA ALA A 23 -11.67 -1.99 -4.47
C ALA A 23 -12.70 -3.12 -4.60
N ALA A 24 -12.31 -4.35 -4.26
CA ALA A 24 -13.24 -5.47 -4.33
C ALA A 24 -14.36 -5.33 -3.32
N LEU A 25 -14.03 -4.90 -2.10
CA LEU A 25 -15.05 -4.69 -1.08
C LEU A 25 -16.00 -3.58 -1.48
N ALA A 26 -15.45 -2.50 -2.07
CA ALA A 26 -16.26 -1.36 -2.46
C ALA A 26 -17.20 -1.71 -3.61
N LEU A 27 -16.72 -2.54 -4.54
CA LEU A 27 -17.59 -3.11 -5.54
C LEU A 27 -18.54 -4.17 -4.98
N LYS A 28 -18.36 -4.56 -3.71
CA LYS A 28 -19.09 -5.71 -3.16
C LYS A 28 -18.94 -6.92 -4.07
N LEU A 29 -17.73 -7.07 -4.62
CA LEU A 29 -17.45 -8.20 -5.50
C LEU A 29 -17.75 -9.52 -4.82
N PHE A 30 -17.35 -9.67 -3.55
CA PHE A 30 -17.49 -10.94 -2.87
C PHE A 30 -18.94 -11.34 -2.64
N ASP A 31 -19.85 -10.36 -2.55
CA ASP A 31 -21.26 -10.69 -2.38
C ASP A 31 -21.86 -11.33 -3.63
N GLN A 32 -21.23 -11.14 -4.79
CA GLN A 32 -21.65 -11.88 -5.98
C GLN A 32 -21.42 -13.38 -5.83
N LEU A 33 -20.74 -13.82 -4.77
CA LEU A 33 -20.42 -15.22 -4.54
C LEU A 33 -21.01 -15.72 -3.23
N ARG A 34 -21.95 -14.97 -2.65
CA ARG A 34 -22.60 -15.36 -1.39
C ARG A 34 -23.37 -16.66 -1.52
N ASP A 35 -24.10 -16.82 -2.63
CA ASP A 35 -25.02 -17.93 -2.79
C ASP A 35 -24.71 -18.81 -3.99
N ARG A 36 -23.62 -18.56 -4.71
CA ARG A 36 -23.34 -19.31 -5.92
C ARG A 36 -21.88 -19.13 -6.28
N ASP A 37 -21.41 -19.99 -7.18
CA ASP A 37 -20.13 -19.86 -7.85
C ASP A 37 -20.37 -19.22 -9.21
N ALA A 38 -19.38 -18.48 -9.71
CA ALA A 38 -19.58 -17.74 -10.94
C ALA A 38 -18.28 -17.57 -11.69
N ASP A 39 -18.36 -17.53 -13.02
CA ASP A 39 -17.18 -17.19 -13.80
C ASP A 39 -17.08 -15.68 -13.94
N ALA A 40 -15.96 -15.24 -14.51
CA ALA A 40 -15.70 -13.81 -14.61
C ALA A 40 -16.75 -13.10 -15.43
N ALA A 41 -17.13 -13.68 -16.58
CA ALA A 41 -18.12 -13.05 -17.45
C ALA A 41 -19.44 -12.83 -16.73
N HIS A 42 -19.83 -13.77 -15.87
CA HIS A 42 -21.09 -13.61 -15.15
C HIS A 42 -20.94 -12.62 -14.00
N ILE A 43 -19.80 -12.64 -13.31
CA ILE A 43 -19.58 -11.67 -12.23
C ILE A 43 -19.57 -10.26 -12.78
N ALA A 44 -18.88 -10.05 -13.91
CA ALA A 44 -18.81 -8.74 -14.53
C ALA A 44 -20.19 -8.25 -14.94
N ALA A 45 -20.97 -9.11 -15.61
CA ALA A 45 -22.29 -8.70 -16.09
C ALA A 45 -23.17 -8.25 -14.93
N ARG A 46 -23.15 -8.98 -13.82
CA ARG A 46 -23.96 -8.59 -12.67
C ARG A 46 -23.43 -7.34 -11.99
N LEU A 47 -22.12 -7.14 -11.98
CA LEU A 47 -21.55 -5.89 -11.50
C LEU A 47 -21.74 -4.74 -12.49
N ASP A 48 -22.28 -5.02 -13.68
CA ASP A 48 -22.25 -4.12 -14.83
C ASP A 48 -20.89 -3.47 -14.99
N CYS A 49 -19.87 -4.32 -15.07
CA CYS A 49 -18.48 -3.93 -15.30
C CYS A 49 -17.96 -4.68 -16.52
N PRO A 50 -17.07 -4.05 -17.30
CA PRO A 50 -16.50 -4.76 -18.45
C PRO A 50 -15.89 -6.07 -18.00
N ALA A 51 -16.04 -7.10 -18.84
CA ALA A 51 -15.54 -8.41 -18.48
C ALA A 51 -14.03 -8.42 -18.31
N ARG A 52 -13.30 -7.67 -19.15
CA ARG A 52 -11.85 -7.76 -19.11
C ARG A 52 -11.29 -7.28 -17.78
N SER A 53 -11.76 -6.10 -17.30
CA SER A 53 -11.22 -5.53 -16.08
C SER A 53 -11.75 -6.22 -14.82
N THR A 54 -13.01 -6.68 -14.84
CA THR A 54 -13.48 -7.51 -13.74
C THR A 54 -12.62 -8.77 -13.59
N GLU A 55 -12.27 -9.38 -14.72
CA GLU A 55 -11.45 -10.59 -14.69
C GLU A 55 -10.06 -10.30 -14.15
N GLN A 56 -9.49 -9.15 -14.52
CA GLN A 56 -8.19 -8.76 -14.00
C GLN A 56 -8.22 -8.69 -12.49
N LEU A 57 -9.28 -8.10 -11.92
CA LEU A 57 -9.37 -8.02 -10.47
C LEU A 57 -9.60 -9.40 -9.86
N LEU A 58 -10.47 -10.20 -10.46
CA LEU A 58 -10.74 -11.56 -9.98
C LEU A 58 -9.48 -12.42 -10.01
N ILE A 59 -8.69 -12.35 -11.07
CA ILE A 59 -7.47 -13.14 -11.14
C ILE A 59 -6.51 -12.72 -10.02
N ALA A 60 -6.46 -11.41 -9.71
CA ALA A 60 -5.57 -10.96 -8.64
C ALA A 60 -6.02 -11.48 -7.28
N LEU A 61 -7.34 -11.46 -7.02
CA LEU A 61 -7.87 -11.95 -5.75
C LEU A 61 -7.69 -13.45 -5.60
N ARG A 62 -7.81 -14.21 -6.68
CA ARG A 62 -7.48 -15.62 -6.60
C ARG A 62 -6.00 -15.80 -6.32
N ALA A 63 -5.14 -15.06 -7.04
CA ALA A 63 -3.71 -15.24 -6.85
C ALA A 63 -3.30 -14.86 -5.45
N MET A 64 -3.99 -13.90 -4.85
CA MET A 64 -3.74 -13.52 -3.47
C MET A 64 -4.28 -14.55 -2.48
N GLY A 65 -5.13 -15.46 -2.93
CA GLY A 65 -5.64 -16.50 -2.07
C GLY A 65 -6.96 -16.21 -1.40
N TYR A 66 -7.70 -15.19 -1.84
CA TYR A 66 -8.98 -14.87 -1.21
C TYR A 66 -10.13 -15.59 -1.88
N LEU A 67 -9.97 -15.89 -3.16
CA LEU A 67 -10.96 -16.63 -3.93
C LEU A 67 -10.33 -17.94 -4.40
N ASP A 68 -11.18 -18.95 -4.60
CA ASP A 68 -10.78 -20.15 -5.31
C ASP A 68 -11.22 -20.03 -6.76
N GLN A 69 -10.56 -20.76 -7.63
CA GLN A 69 -10.93 -20.81 -9.06
C GLN A 69 -10.70 -22.22 -9.63
N ARG A 70 -11.74 -22.83 -10.19
CA ARG A 70 -11.62 -24.16 -10.82
C ARG A 70 -12.26 -24.04 -12.20
N ASP A 71 -11.49 -24.25 -13.26
CA ASP A 71 -11.98 -24.19 -14.66
C ASP A 71 -12.73 -22.89 -14.97
N GLY A 72 -12.23 -21.76 -14.48
CA GLY A 72 -12.86 -20.44 -14.72
C GLY A 72 -13.95 -20.08 -13.73
N LEU A 73 -14.34 -21.01 -12.87
CA LEU A 73 -15.44 -20.79 -11.90
C LEU A 73 -14.87 -20.26 -10.59
N TYR A 74 -15.25 -19.03 -10.18
CA TYR A 74 -14.76 -18.49 -8.89
C TYR A 74 -15.65 -18.96 -7.75
N HIS A 75 -15.05 -19.13 -6.58
CA HIS A 75 -15.78 -19.60 -5.41
C HIS A 75 -15.21 -18.92 -4.19
N LEU A 76 -16.09 -18.48 -3.28
CA LEU A 76 -15.69 -17.82 -2.04
C LEU A 76 -15.48 -18.85 -0.96
N PRO A 77 -14.26 -19.03 -0.44
CA PRO A 77 -14.03 -20.00 0.63
C PRO A 77 -14.93 -19.76 1.83
N ALA A 78 -15.54 -20.84 2.34
CA ALA A 78 -16.36 -20.74 3.54
C ALA A 78 -15.65 -19.96 4.63
N ALA A 79 -14.35 -20.20 4.81
CA ALA A 79 -13.64 -19.55 5.90
C ALA A 79 -13.39 -18.07 5.64
N HIS A 80 -13.71 -17.55 4.45
CA HIS A 80 -13.51 -16.12 4.18
C HIS A 80 -14.82 -15.34 4.23
N ARG A 81 -15.95 -16.03 4.36
CA ARG A 81 -17.26 -15.40 4.29
C ARG A 81 -17.44 -14.37 5.41
N ALA A 82 -16.91 -14.66 6.60
CA ALA A 82 -17.18 -13.79 7.76
C ALA A 82 -16.61 -12.38 7.61
N PHE A 83 -15.50 -12.19 6.88
CA PHE A 83 -14.97 -10.84 6.73
C PHE A 83 -15.05 -10.27 5.32
N LEU A 84 -15.49 -11.05 4.33
CA LEU A 84 -15.59 -10.50 2.97
C LEU A 84 -17.03 -10.21 2.53
N LEU A 85 -18.03 -10.69 3.25
CA LEU A 85 -19.43 -10.50 2.85
C LEU A 85 -20.01 -9.31 3.57
N SER A 86 -20.78 -8.51 2.81
CA SER A 86 -21.34 -7.26 3.33
C SER A 86 -22.22 -7.48 4.55
N ASP A 87 -23.02 -8.54 4.56
CA ASP A 87 -23.98 -8.75 5.64
C ASP A 87 -23.37 -9.41 6.88
N GLU A 88 -22.01 -9.61 6.94
CA GLU A 88 -21.43 -10.40 8.02
C GLU A 88 -20.91 -9.50 9.13
N PRO A 89 -20.83 -10.04 10.35
CA PRO A 89 -20.40 -9.21 11.48
C PRO A 89 -18.95 -8.76 11.40
N GLN A 90 -18.06 -9.53 10.78
CA GLN A 90 -16.66 -9.12 10.68
C GLN A 90 -16.31 -8.49 9.34
N TRP A 91 -17.32 -8.03 8.59
CA TRP A 91 -17.08 -7.43 7.27
C TRP A 91 -16.03 -6.32 7.38
N LEU A 92 -15.02 -6.39 6.50
CA LEU A 92 -13.96 -5.39 6.46
C LEU A 92 -14.31 -4.19 5.60
N GLY A 93 -15.53 -4.12 5.06
CA GLY A 93 -15.88 -3.03 4.18
C GLY A 93 -15.85 -1.67 4.86
N TRP A 94 -16.14 -1.63 6.17
CA TRP A 94 -16.04 -0.38 6.92
C TRP A 94 -14.61 0.16 6.88
N LEU A 95 -13.65 -0.66 7.32
CA LEU A 95 -12.24 -0.29 7.22
C LEU A 95 -11.87 0.05 5.79
N GLY A 96 -12.39 -0.73 4.83
CA GLY A 96 -12.10 -0.45 3.43
C GLY A 96 -12.41 0.99 3.03
N ARG A 97 -13.60 1.47 3.40
CA ARG A 97 -14.00 2.82 3.01
C ARG A 97 -13.17 3.87 3.73
N HIS A 98 -12.90 3.63 5.01
CA HIS A 98 -12.02 4.52 5.77
C HIS A 98 -10.65 4.64 5.11
N ILE A 99 -10.12 3.52 4.62
CA ILE A 99 -8.85 3.55 3.91
C ILE A 99 -9.00 4.31 2.60
N ASP A 100 -10.05 3.99 1.83
CA ASP A 100 -10.20 4.61 0.52
C ASP A 100 -10.45 6.11 0.65
N THR A 101 -11.27 6.50 1.62
CA THR A 101 -11.64 7.92 1.75
C THR A 101 -10.52 8.72 2.40
N PHE A 102 -9.96 8.23 3.50
CA PHE A 102 -9.07 9.04 4.32
C PHE A 102 -7.62 8.58 4.31
N LEU A 103 -7.34 7.33 4.68
CA LEU A 103 -5.97 6.95 5.01
C LEU A 103 -5.07 6.79 3.78
N TYR A 104 -5.57 6.18 2.70
CA TYR A 104 -4.69 5.98 1.54
C TYR A 104 -4.34 7.32 0.90
N PRO A 105 -5.26 8.26 0.68
CA PRO A 105 -4.83 9.60 0.23
C PRO A 105 -3.83 10.27 1.15
N LEU A 106 -4.03 10.21 2.47
CA LEU A 106 -3.17 10.96 3.37
C LEU A 106 -1.76 10.38 3.43
N TRP A 107 -1.66 9.03 3.49
CA TRP A 107 -0.35 8.38 3.42
C TRP A 107 0.37 8.66 2.10
N GLY A 108 -0.35 9.03 1.04
CA GLY A 108 0.35 9.45 -0.17
C GLY A 108 1.32 10.59 0.05
N GLU A 109 1.12 11.38 1.11
CA GLU A 109 2.01 12.51 1.37
C GLU A 109 2.83 12.30 2.63
N LEU A 110 3.11 11.04 2.98
CA LEU A 110 3.93 10.72 4.15
C LEU A 110 5.27 11.46 4.16
N LYS A 111 5.96 11.48 3.02
CA LYS A 111 7.29 12.09 2.98
C LYS A 111 7.23 13.53 3.48
N THR A 112 6.25 14.29 3.01
CA THR A 112 6.08 15.68 3.43
C THR A 112 5.63 15.79 4.88
N ALA A 113 4.81 14.85 5.35
CA ALA A 113 4.44 14.82 6.76
C ALA A 113 5.65 14.66 7.65
N VAL A 114 6.62 13.85 7.22
CA VAL A 114 7.81 13.65 8.05
C VAL A 114 8.71 14.90 7.99
N ARG A 115 8.85 15.49 6.81
CA ARG A 115 9.73 16.64 6.64
C ARG A 115 9.24 17.85 7.45
N ASN A 116 7.93 17.98 7.63
CA ASN A 116 7.34 19.10 8.36
C ASN A 116 6.78 18.73 9.72
N ASP A 117 6.79 17.44 10.10
CA ASP A 117 6.10 16.93 11.27
C ASP A 117 4.69 17.52 11.34
N ALA A 118 3.94 17.30 10.27
CA ALA A 118 2.63 17.93 10.14
C ALA A 118 1.69 16.98 9.42
N HIS A 119 0.43 16.98 9.84
CA HIS A 119 -0.59 16.21 9.12
C HIS A 119 -0.79 16.79 7.73
N GLN A 120 -1.43 16.00 6.86
CA GLN A 120 -1.53 16.33 5.45
C GLN A 120 -2.98 16.52 5.01
N ARG A 121 -3.85 16.86 5.95
CA ARG A 121 -5.26 17.04 5.60
C ARG A 121 -5.46 18.22 4.64
N ARG A 122 -4.70 19.29 4.81
CA ARG A 122 -4.88 20.42 3.92
C ARG A 122 -4.26 20.17 2.53
N THR A 123 -3.04 19.64 2.50
CA THR A 123 -2.39 19.34 1.24
C THR A 123 -3.19 18.32 0.42
N VAL A 124 -3.74 17.30 1.09
CA VAL A 124 -4.43 16.23 0.36
C VAL A 124 -5.89 16.61 0.06
N PHE A 125 -6.60 17.13 1.05
CA PHE A 125 -8.03 17.35 0.87
C PHE A 125 -8.39 18.80 0.56
N GLY A 126 -7.50 19.75 0.80
CA GLY A 126 -7.91 21.14 0.76
C GLY A 126 -8.92 21.46 1.83
N ASP A 127 -8.71 20.92 3.03
CA ASP A 127 -9.65 21.00 4.14
C ASP A 127 -8.87 21.33 5.39
N ASP A 128 -9.18 22.48 6.01
CA ASP A 128 -8.48 22.96 7.19
C ASP A 128 -9.16 22.57 8.50
N ARG A 129 -10.27 21.84 8.45
CA ARG A 129 -10.96 21.44 9.67
C ARG A 129 -10.13 20.42 10.45
N SER A 130 -10.55 20.18 11.67
CA SER A 130 -9.86 19.22 12.51
C SER A 130 -10.06 17.80 11.96
N TRP A 131 -9.21 16.88 12.40
CA TRP A 131 -9.30 15.49 11.95
C TRP A 131 -10.70 14.94 12.19
N PHE A 132 -11.19 15.03 13.42
CA PHE A 132 -12.48 14.42 13.72
C PHE A 132 -13.63 15.14 13.03
N ASP A 133 -13.53 16.47 12.85
CA ASP A 133 -14.55 17.15 12.05
C ASP A 133 -14.53 16.66 10.60
N ILE A 134 -13.35 16.40 10.05
CA ILE A 134 -13.27 15.86 8.70
C ILE A 134 -13.81 14.43 8.66
N LEU A 135 -13.31 13.59 9.55
CA LEU A 135 -13.77 12.21 9.66
C LEU A 135 -15.28 12.13 9.81
N TYR A 136 -15.86 13.04 10.59
CA TYR A 136 -17.24 12.97 10.99
C TYR A 136 -18.18 13.82 10.15
N GLN A 137 -17.75 14.35 8.99
CA GLN A 137 -18.63 15.25 8.26
C GLN A 137 -19.85 14.55 7.71
N ASN A 138 -19.73 13.32 7.43
CA ASN A 138 -20.86 12.60 6.91
C ASN A 138 -21.29 11.58 7.95
N PRO A 139 -22.59 11.33 8.15
CA PRO A 139 -22.98 10.25 9.08
C PRO A 139 -22.41 8.90 8.68
N ASP A 140 -22.25 8.63 7.38
CA ASP A 140 -21.73 7.33 6.95
C ASP A 140 -20.27 7.15 7.31
N ASP A 141 -19.50 8.25 7.30
CA ASP A 141 -18.10 8.15 7.69
C ASP A 141 -17.96 7.96 9.19
N VAL A 142 -18.85 8.54 9.99
CA VAL A 142 -18.88 8.24 11.43
C VAL A 142 -19.14 6.76 11.64
N ALA A 143 -20.12 6.22 10.91
CA ALA A 143 -20.50 4.83 11.06
C ALA A 143 -19.35 3.89 10.70
N ASP A 144 -18.74 4.08 9.53
CA ASP A 144 -17.63 3.21 9.11
C ASP A 144 -16.54 3.17 10.18
N PHE A 145 -16.09 4.34 10.61
CA PHE A 145 -15.02 4.45 11.60
C PHE A 145 -15.38 3.75 12.89
N GLN A 146 -16.56 4.06 13.44
CA GLN A 146 -16.95 3.46 14.70
C GLN A 146 -17.20 1.96 14.57
N GLU A 147 -17.73 1.52 13.42
CA GLU A 147 -18.03 0.09 13.26
C GLU A 147 -16.77 -0.73 13.21
N PHE A 148 -15.74 -0.26 12.47
CA PHE A 148 -14.54 -1.07 12.36
C PHE A 148 -13.71 -1.01 13.64
N LEU A 149 -13.63 0.16 14.29
CA LEU A 149 -12.94 0.23 15.57
C LEU A 149 -13.61 -0.68 16.61
N GLY A 150 -14.95 -0.73 16.59
CA GLY A 150 -15.67 -1.56 17.55
C GLY A 150 -15.28 -3.03 17.47
N LYS A 151 -15.18 -3.57 16.26
CA LYS A 151 -14.74 -4.96 16.11
C LYS A 151 -13.31 -5.15 16.58
N PHE A 152 -12.44 -4.17 16.29
CA PHE A 152 -11.05 -4.26 16.76
C PHE A 152 -10.97 -4.28 18.28
N ALA A 153 -11.88 -3.58 18.95
CA ALA A 153 -11.87 -3.43 20.41
C ALA A 153 -12.50 -4.62 21.14
N ALA A 154 -13.14 -5.52 20.41
CA ALA A 154 -13.90 -6.59 21.06
C ALA A 154 -13.05 -7.45 21.99
N PRO A 155 -11.85 -7.93 21.61
CA PRO A 155 -11.05 -8.70 22.58
C PRO A 155 -10.60 -7.92 23.81
N PHE A 156 -10.16 -6.66 23.64
CA PHE A 156 -9.88 -5.83 24.80
C PHE A 156 -11.07 -5.76 25.75
N ILE A 157 -12.24 -5.42 25.21
CA ILE A 157 -13.43 -5.24 26.05
C ILE A 157 -13.74 -6.52 26.82
N ALA A 158 -13.72 -7.66 26.12
CA ALA A 158 -14.00 -8.92 26.77
C ALA A 158 -13.03 -9.18 27.91
N GLY A 159 -11.75 -8.88 27.69
CA GLY A 159 -10.77 -9.09 28.75
C GLY A 159 -10.98 -8.13 29.91
N PHE A 160 -11.14 -6.84 29.61
CA PHE A 160 -11.37 -5.83 30.64
C PHE A 160 -12.54 -6.20 31.54
N VAL A 161 -13.67 -6.57 30.94
CA VAL A 161 -14.87 -6.86 31.72
C VAL A 161 -14.67 -8.11 32.56
N ARG A 162 -13.93 -9.08 32.04
CA ARG A 162 -13.69 -10.33 32.76
C ARG A 162 -12.62 -10.21 33.84
N ASP A 163 -11.74 -9.21 33.76
CA ASP A 163 -10.56 -9.14 34.63
C ASP A 163 -10.53 -7.96 35.59
N TYR A 164 -11.36 -6.94 35.39
CA TYR A 164 -11.44 -5.81 36.30
C TYR A 164 -12.77 -5.79 37.03
N ASP A 165 -12.74 -5.50 38.32
CA ASP A 165 -13.95 -5.55 39.16
C ASP A 165 -14.69 -4.23 39.06
N PHE A 166 -15.58 -4.12 38.08
CA PHE A 166 -16.41 -2.94 37.96
C PHE A 166 -17.42 -2.81 39.09
N SER A 167 -17.66 -3.88 39.86
CA SER A 167 -18.65 -3.82 40.95
C SER A 167 -18.28 -2.80 42.00
N GLN A 168 -17.02 -2.44 42.12
CA GLN A 168 -16.58 -1.56 43.20
C GLN A 168 -16.92 -0.10 42.96
N HIS A 169 -17.51 0.26 41.82
CA HIS A 169 -17.85 1.64 41.52
C HIS A 169 -19.35 1.80 41.41
N ARG A 170 -19.82 2.99 41.72
CA ARG A 170 -21.23 3.33 41.60
C ARG A 170 -21.57 3.89 40.22
N ALA A 171 -20.66 4.64 39.62
CA ALA A 171 -20.93 5.27 38.32
C ALA A 171 -19.66 5.25 37.48
N PHE A 172 -19.83 5.01 36.17
CA PHE A 172 -18.72 4.86 35.25
C PHE A 172 -18.96 5.75 34.04
N LEU A 173 -17.98 6.56 33.68
CA LEU A 173 -18.04 7.38 32.49
C LEU A 173 -16.98 6.92 31.50
N ASP A 174 -17.39 6.66 30.26
CA ASP A 174 -16.47 6.29 29.18
C ASP A 174 -16.29 7.51 28.27
N ILE A 175 -15.16 8.19 28.41
CA ILE A 175 -14.88 9.38 27.59
C ILE A 175 -14.33 8.92 26.26
N GLY A 176 -14.97 9.32 25.16
CA GLY A 176 -14.54 8.89 23.85
C GLY A 176 -14.87 7.43 23.55
N SER A 177 -15.97 6.93 24.12
CA SER A 177 -16.35 5.53 24.03
C SER A 177 -16.48 5.06 22.58
N GLY A 178 -16.80 5.95 21.66
CA GLY A 178 -16.92 5.57 20.28
C GLY A 178 -18.24 4.91 19.97
N ILE A 179 -18.20 3.59 19.72
CA ILE A 179 -19.42 2.85 19.43
C ILE A 179 -20.09 2.35 20.71
N GLY A 180 -19.47 2.58 21.87
CA GLY A 180 -20.13 2.31 23.13
C GLY A 180 -20.17 0.86 23.53
N SER A 181 -19.35 0.01 22.91
CA SER A 181 -19.43 -1.41 23.20
C SER A 181 -18.85 -1.75 24.55
N LEU A 182 -18.02 -0.87 25.12
CA LEU A 182 -17.56 -1.09 26.49
C LEU A 182 -18.69 -0.87 27.50
N PRO A 183 -19.31 0.32 27.58
CA PRO A 183 -20.46 0.45 28.50
C PRO A 183 -21.52 -0.62 28.27
N MET A 184 -21.74 -1.02 27.01
CA MET A 184 -22.73 -2.06 26.73
C MET A 184 -22.35 -3.37 27.40
N ALA A 185 -21.08 -3.77 27.26
CA ALA A 185 -20.61 -4.98 27.94
C ALA A 185 -20.66 -4.82 29.45
N ILE A 186 -20.34 -3.63 29.97
CA ILE A 186 -20.46 -3.42 31.41
C ILE A 186 -21.93 -3.51 31.83
N ALA A 187 -22.84 -3.02 30.99
CA ALA A 187 -24.26 -3.09 31.34
C ALA A 187 -24.74 -4.54 31.41
N ASP A 188 -24.31 -5.37 30.45
CA ASP A 188 -24.71 -6.77 30.44
C ASP A 188 -24.24 -7.49 31.69
N ALA A 189 -23.14 -7.04 32.30
CA ALA A 189 -22.55 -7.73 33.44
C ALA A 189 -22.99 -7.17 34.78
N TYR A 190 -23.17 -5.86 34.92
CA TYR A 190 -23.44 -5.22 36.21
C TYR A 190 -24.66 -4.31 36.14
N PRO A 191 -25.83 -4.80 36.55
CA PRO A 191 -27.05 -3.97 36.52
C PRO A 191 -27.00 -2.73 37.39
N GLY A 192 -26.17 -2.69 38.43
CA GLY A 192 -26.29 -1.61 39.40
C GLY A 192 -25.55 -0.33 39.06
N ILE A 193 -24.49 -0.43 38.27
CA ILE A 193 -23.59 0.71 38.09
C ILE A 193 -24.19 1.67 37.08
N ALA A 194 -24.12 2.96 37.38
CA ALA A 194 -24.51 3.96 36.40
C ALA A 194 -23.47 4.02 35.28
N LEU A 195 -23.94 4.15 34.05
CA LEU A 195 -23.10 4.21 32.87
C LEU A 195 -23.41 5.46 32.06
N ALA A 196 -22.35 6.16 31.67
CA ALA A 196 -22.48 7.33 30.81
C ALA A 196 -21.33 7.36 29.82
N ILE A 197 -21.56 7.96 28.67
CA ILE A 197 -20.54 8.22 27.67
C ILE A 197 -20.43 9.72 27.43
N CYS A 198 -19.20 10.21 27.30
CA CYS A 198 -18.93 11.57 26.86
C CYS A 198 -18.28 11.54 25.48
N GLU A 199 -18.94 12.09 24.47
CA GLU A 199 -18.43 12.00 23.12
C GLU A 199 -18.60 13.33 22.38
N LEU A 200 -17.87 13.44 21.27
CA LEU A 200 -18.02 14.57 20.38
C LEU A 200 -19.40 14.56 19.73
N PRO A 201 -19.88 15.71 19.24
CA PRO A 201 -21.29 15.78 18.81
C PRO A 201 -21.66 14.78 17.71
N GLN A 202 -20.87 14.68 16.65
CA GLN A 202 -21.25 13.80 15.55
C GLN A 202 -21.28 12.35 16.00
N ALA A 203 -20.37 11.98 16.90
CA ALA A 203 -20.33 10.60 17.36
C ALA A 203 -21.42 10.34 18.38
N SER A 204 -21.76 11.36 19.19
CA SER A 204 -22.89 11.26 20.08
C SER A 204 -24.15 10.90 19.32
N ALA A 205 -24.38 11.58 18.19
CA ALA A 205 -25.59 11.35 17.41
C ALA A 205 -25.66 9.91 16.91
N PHE A 206 -24.57 9.43 16.29
CA PHE A 206 -24.52 8.03 15.87
C PHE A 206 -24.71 7.11 17.07
N LEU A 207 -23.99 7.37 18.15
CA LEU A 207 -24.03 6.54 19.34
C LEU A 207 -25.42 6.50 19.97
N ARG A 208 -26.10 7.65 20.02
CA ARG A 208 -27.45 7.66 20.58
C ARG A 208 -28.37 6.72 19.82
N ASP A 209 -28.37 6.84 18.49
CA ASP A 209 -29.22 5.99 17.66
C ASP A 209 -28.87 4.52 17.80
N LYS A 210 -27.58 4.21 17.94
CA LYS A 210 -27.20 2.81 18.00
C LYS A 210 -27.51 2.20 19.36
N LEU A 211 -27.22 2.90 20.47
CA LEU A 211 -27.59 2.38 21.78
C LEU A 211 -29.10 2.19 21.88
N THR A 212 -29.86 3.13 21.34
CA THR A 212 -31.32 3.03 21.38
C THR A 212 -31.80 1.81 20.61
N LEU A 213 -31.25 1.58 19.41
CA LEU A 213 -31.70 0.47 18.59
C LEU A 213 -31.39 -0.87 19.24
N GLN A 214 -30.28 -0.95 19.95
CA GLN A 214 -29.84 -2.21 20.57
C GLN A 214 -30.38 -2.40 21.98
N GLY A 215 -31.26 -1.52 22.44
CA GLY A 215 -31.94 -1.70 23.70
C GLY A 215 -31.28 -1.08 24.91
N TYR A 216 -30.29 -0.21 24.73
CA TYR A 216 -29.56 0.40 25.84
C TYR A 216 -29.92 1.87 26.07
N GLY A 217 -31.02 2.33 25.47
CA GLY A 217 -31.34 3.74 25.50
C GLY A 217 -31.69 4.27 26.88
N GLU A 218 -32.26 3.42 27.73
CA GLU A 218 -32.55 3.82 29.11
C GLU A 218 -31.36 3.60 30.03
N ARG A 219 -30.39 2.79 29.62
CA ARG A 219 -29.33 2.29 30.50
C ARG A 219 -28.02 3.08 30.43
N ILE A 220 -27.67 3.66 29.28
CA ILE A 220 -26.41 4.36 29.10
C ILE A 220 -26.69 5.81 28.72
N ASP A 221 -26.28 6.74 29.57
CA ASP A 221 -26.45 8.16 29.29
C ASP A 221 -25.36 8.67 28.35
N VAL A 222 -25.76 9.45 27.35
CA VAL A 222 -24.82 9.99 26.37
C VAL A 222 -24.72 11.50 26.58
N VAL A 223 -23.51 11.98 26.84
CA VAL A 223 -23.24 13.38 27.15
C VAL A 223 -22.29 13.93 26.10
N GLU A 224 -22.70 14.99 25.41
CA GLU A 224 -21.80 15.63 24.47
C GLU A 224 -20.78 16.47 25.22
N GLY A 225 -19.53 16.43 24.74
CA GLY A 225 -18.51 17.22 25.40
C GLY A 225 -17.25 17.31 24.57
N ASP A 226 -16.22 17.84 25.22
CA ASP A 226 -14.90 17.96 24.60
C ASP A 226 -13.90 17.88 25.74
N VAL A 227 -13.08 16.82 25.74
CA VAL A 227 -12.14 16.62 26.84
C VAL A 227 -10.95 17.56 26.73
N ILE A 228 -10.71 18.15 25.56
CA ILE A 228 -9.61 19.09 25.42
C ILE A 228 -10.01 20.48 25.90
N SER A 229 -11.26 20.88 25.66
CA SER A 229 -11.74 22.21 26.06
C SER A 229 -12.20 22.24 27.53
N GLY A 230 -12.41 21.08 28.15
CA GLY A 230 -12.87 21.06 29.54
C GLY A 230 -14.38 20.87 29.65
N ASP A 231 -15.06 20.77 28.52
CA ASP A 231 -16.50 20.53 28.59
C ASP A 231 -16.77 19.08 28.95
N LEU A 232 -16.97 18.79 30.25
CA LEU A 232 -17.23 17.42 30.77
C LEU A 232 -18.34 17.45 31.82
N PRO A 233 -19.10 16.35 32.00
CA PRO A 233 -20.14 16.32 33.02
C PRO A 233 -19.51 16.28 34.41
N GLY A 235 -20.54 16.07 37.77
CA GLY A 235 -20.62 14.61 37.50
C GLY A 235 -19.94 13.77 38.57
N GLY A 236 -20.66 12.83 39.16
CA GLY A 236 -20.06 11.96 40.16
C GLY A 236 -19.59 10.63 39.59
N TYR A 237 -18.60 10.64 38.71
CA TYR A 237 -18.14 9.33 38.18
C TYR A 237 -16.91 8.85 38.95
N ASP A 238 -17.05 7.78 39.72
CA ASP A 238 -15.93 7.27 40.55
C ASP A 238 -15.01 6.37 39.73
N LEU A 239 -15.41 6.04 38.50
CA LEU A 239 -14.51 5.42 37.51
C LEU A 239 -14.68 6.11 36.15
N ILE A 240 -13.58 6.60 35.62
CA ILE A 240 -13.58 7.21 34.30
C ILE A 240 -12.56 6.48 33.45
N HIS A 241 -12.91 6.18 32.20
CA HIS A 241 -12.05 5.49 31.26
C HIS A 241 -11.90 6.33 30.01
N LEU A 242 -10.73 6.20 29.40
CA LEU A 242 -10.39 6.86 28.14
C LEU A 242 -9.70 5.80 27.27
N GLY A 243 -10.39 5.30 26.27
CA GLY A 243 -9.82 4.23 25.46
C GLY A 243 -9.38 4.62 24.08
N TRP A 244 -8.11 4.45 23.80
CA TRP A 244 -7.59 4.67 22.42
C TRP A 244 -7.82 6.10 21.93
N MET A 245 -7.71 7.09 22.80
CA MET A 245 -7.85 8.49 22.37
C MET A 245 -6.59 9.32 22.55
N LEU A 246 -5.76 9.02 23.55
CA LEU A 246 -4.58 9.82 23.80
C LEU A 246 -3.67 9.87 22.58
N HIS A 247 -3.53 8.74 21.86
CA HIS A 247 -2.63 8.68 20.72
C HIS A 247 -3.11 9.50 19.54
N ASP A 248 -4.34 10.01 19.57
CA ASP A 248 -4.82 10.84 18.49
C ASP A 248 -4.40 12.29 18.65
N TYR A 249 -3.56 12.60 19.65
CA TYR A 249 -3.18 13.98 19.94
C TYR A 249 -1.73 14.07 20.37
N ALA A 250 -1.18 15.28 20.19
CA ALA A 250 0.19 15.55 20.54
C ALA A 250 0.39 15.38 22.04
N PRO A 251 1.61 15.02 22.47
CA PRO A 251 1.85 14.85 23.92
C PRO A 251 1.44 16.05 24.75
N GLU A 252 1.64 17.25 24.21
CA GLU A 252 1.25 18.46 24.91
C GLU A 252 -0.25 18.47 25.15
N THR A 253 -1.04 18.11 24.13
CA THR A 253 -2.48 18.05 24.28
C THR A 253 -2.90 16.93 25.23
N GLN A 254 -2.20 15.80 25.20
CA GLN A 254 -2.49 14.71 26.13
C GLN A 254 -2.38 15.19 27.58
N LEU A 255 -1.48 16.12 27.87
CA LEU A 255 -1.41 16.66 29.23
C LEU A 255 -2.62 17.53 29.54
N THR A 256 -3.09 18.29 28.56
CA THR A 256 -4.28 19.12 28.72
C THR A 256 -5.52 18.26 28.93
N ILE A 257 -5.61 17.16 28.19
CA ILE A 257 -6.70 16.20 28.35
C ILE A 257 -6.66 15.58 29.74
N LEU A 258 -5.47 15.16 30.18
CA LEU A 258 -5.38 14.49 31.46
C LEU A 258 -5.59 15.45 32.62
N ARG A 259 -5.24 16.73 32.46
CA ARG A 259 -5.47 17.69 33.53
C ARG A 259 -6.94 18.05 33.64
N ASN A 260 -7.63 18.20 32.51
CA ASN A 260 -9.07 18.44 32.53
C ASN A 260 -9.81 17.29 33.21
N ILE A 261 -9.47 16.05 32.85
CA ILE A 261 -10.12 14.89 33.45
C ILE A 261 -9.90 14.89 34.95
N TYR A 262 -8.64 15.02 35.37
CA TYR A 262 -8.31 15.09 36.79
C TYR A 262 -9.15 16.16 37.50
N ARG A 263 -9.27 17.34 36.90
CA ARG A 263 -9.99 18.44 37.54
C ARG A 263 -11.47 18.12 37.71
N ALA A 264 -12.07 17.45 36.72
CA ALA A 264 -13.48 17.13 36.76
C ALA A 264 -13.78 15.92 37.64
N MET A 265 -12.78 15.10 37.94
CA MET A 265 -13.02 13.89 38.71
C MET A 265 -13.59 14.22 40.10
N PRO A 266 -14.36 13.31 40.68
CA PRO A 266 -14.68 13.45 42.10
C PRO A 266 -13.51 13.00 42.95
N ALA A 267 -13.52 13.41 44.21
CA ALA A 267 -12.45 13.02 45.10
C ALA A 267 -12.50 11.53 45.33
N GLY A 268 -11.33 10.91 45.41
CA GLY A 268 -11.26 9.46 45.46
C GLY A 268 -11.61 8.76 44.17
N GLY A 269 -11.85 9.50 43.09
CA GLY A 269 -12.15 8.87 41.83
C GLY A 269 -10.96 8.13 41.26
N ARG A 270 -11.25 7.12 40.43
CA ARG A 270 -10.25 6.40 39.66
C ARG A 270 -10.38 6.77 38.19
N PHE A 271 -9.23 6.78 37.49
CA PHE A 271 -9.16 7.01 36.06
C PHE A 271 -8.30 5.92 35.42
N ILE A 272 -8.75 5.39 34.28
CA ILE A 272 -8.02 4.37 33.52
C ILE A 272 -7.94 4.82 32.07
N ALA A 273 -6.73 4.90 31.52
CA ALA A 273 -6.56 5.06 30.09
C ALA A 273 -6.03 3.74 29.53
N SER A 274 -6.55 3.34 28.37
CA SER A 274 -6.11 2.13 27.69
C SER A 274 -5.54 2.50 26.32
N GLU A 275 -4.32 2.05 26.05
CA GLU A 275 -3.63 2.36 24.82
C GLU A 275 -2.89 1.12 24.36
N THR A 276 -2.29 1.19 23.17
CA THR A 276 -1.45 0.11 22.65
C THR A 276 -0.05 0.70 22.51
N PRO A 277 0.75 0.69 23.56
CA PRO A 277 1.98 1.47 23.58
C PRO A 277 3.11 0.79 22.82
N LEU A 278 4.11 1.61 22.47
CA LEU A 278 5.36 1.03 22.00
C LEU A 278 6.04 0.28 23.14
N ASN A 279 6.88 -0.69 22.79
CA ASN A 279 7.58 -1.44 23.82
C ASN A 279 8.61 -0.56 24.53
N GLU A 280 9.14 -1.09 25.63
CA GLU A 280 10.00 -0.32 26.52
C GLU A 280 11.16 0.34 25.77
N ASP A 281 11.79 -0.38 24.85
CA ASP A 281 12.90 0.19 24.10
C ASP A 281 12.47 0.77 22.76
N LYS A 282 11.18 1.08 22.60
CA LYS A 282 10.62 1.76 21.42
C LYS A 282 11.22 1.21 20.12
N SER A 283 11.21 -0.11 20.01
CA SER A 283 11.63 -0.86 18.85
C SER A 283 10.47 -1.58 18.16
N GLY A 284 9.25 -1.27 18.54
CA GLY A 284 8.10 -1.98 18.03
C GLY A 284 6.94 -1.89 19.02
N PRO A 285 5.91 -2.72 18.83
CA PRO A 285 5.73 -3.69 17.76
C PRO A 285 5.45 -3.00 16.44
N GLU A 286 5.55 -3.75 15.34
CA GLU A 286 5.58 -3.14 14.02
C GLU A 286 4.26 -2.44 13.68
N PHE A 287 3.12 -3.07 14.02
CA PHE A 287 1.88 -2.39 13.67
C PHE A 287 1.68 -1.11 14.46
N THR A 288 2.09 -1.11 15.73
CA THR A 288 2.02 0.11 16.52
C THR A 288 2.92 1.20 15.95
N ALA A 289 4.17 0.86 15.64
CA ALA A 289 5.10 1.80 15.02
C ALA A 289 4.50 2.39 13.74
N LEU A 290 3.82 1.58 12.95
CA LEU A 290 3.22 2.13 11.73
C LEU A 290 1.96 2.92 12.02
N LEU A 291 1.21 2.54 13.07
CA LEU A 291 0.07 3.33 13.51
C LEU A 291 0.49 4.75 13.89
N SER A 292 1.64 4.88 14.54
CA SER A 292 2.17 6.19 14.91
C SER A 292 2.41 7.05 13.68
N LEU A 293 2.91 6.45 12.59
CA LEU A 293 2.98 7.17 11.33
C LEU A 293 1.60 7.49 10.77
N ASN A 294 0.61 6.61 10.97
CA ASN A 294 -0.76 6.95 10.58
C ASN A 294 -1.28 8.16 11.35
N MET A 295 -0.98 8.24 12.65
CA MET A 295 -1.40 9.43 13.40
C MET A 295 -0.71 10.69 12.89
N LEU A 296 0.54 10.56 12.43
CA LEU A 296 1.28 11.69 11.88
C LEU A 296 0.55 12.30 10.68
N VAL A 297 0.20 11.46 9.69
CA VAL A 297 -0.35 12.01 8.46
C VAL A 297 -1.79 12.50 8.63
N SER A 298 -2.56 11.95 9.59
CA SER A 298 -3.99 12.24 9.65
C SER A 298 -4.44 13.09 10.83
N THR A 299 -3.88 12.92 12.02
CA THR A 299 -4.48 13.50 13.20
C THR A 299 -3.84 14.84 13.54
N ASP A 300 -4.37 15.49 14.57
CA ASP A 300 -3.80 16.75 15.06
C ASP A 300 -2.75 16.44 16.11
N GLY A 301 -1.57 16.00 15.65
CA GLY A 301 -0.44 15.77 16.51
C GLY A 301 -0.25 14.34 17.03
N GLY A 302 -1.14 13.42 16.68
CA GLY A 302 -1.11 12.10 17.30
C GLY A 302 0.21 11.37 17.09
N ILE A 303 0.47 10.43 17.99
CA ILE A 303 1.73 9.70 18.07
C ILE A 303 1.50 8.51 19.01
N GLU A 304 2.24 7.42 18.84
CA GLU A 304 2.22 6.38 19.86
C GLU A 304 3.38 6.62 20.82
N SER A 305 3.23 6.11 22.04
CA SER A 305 4.19 6.36 23.11
C SER A 305 4.45 5.05 23.83
N SER A 306 5.40 5.08 24.76
CA SER A 306 5.66 3.90 25.58
C SER A 306 4.80 3.95 26.85
N ALA A 307 4.82 2.85 27.60
CA ALA A 307 4.07 2.82 28.84
C ALA A 307 4.65 3.82 29.84
N GLN A 308 5.98 3.94 29.88
CA GLN A 308 6.61 4.89 30.78
C GLN A 308 6.18 6.32 30.46
N GLU A 309 6.00 6.63 29.17
CA GLU A 309 5.64 7.99 28.77
C GLU A 309 4.22 8.34 29.20
N TYR A 310 3.29 7.40 29.03
CA TYR A 310 1.95 7.60 29.58
C TYR A 310 2.00 7.73 31.09
N LEU A 311 2.82 6.91 31.74
CA LEU A 311 2.92 6.96 33.20
C LEU A 311 3.39 8.31 33.68
N ASP A 312 4.46 8.83 33.07
CA ASP A 312 4.95 10.15 33.42
C ASP A 312 3.88 11.20 33.16
N ARG A 313 3.14 11.08 32.06
CA ARG A 313 2.10 12.07 31.78
C ARG A 313 1.01 12.06 32.86
N PHE A 314 0.62 10.88 33.35
CA PHE A 314 -0.34 10.81 34.45
C PHE A 314 0.17 11.57 35.66
N ARG A 315 1.46 11.44 35.98
CA ARG A 315 1.98 12.11 37.16
C ARG A 315 2.05 13.62 36.96
N LEU A 316 2.48 14.06 35.76
CA LEU A 316 2.54 15.49 35.48
C LEU A 316 1.15 16.11 35.49
N ALA A 317 0.13 15.33 35.16
CA ALA A 317 -1.24 15.82 35.16
C ALA A 317 -1.84 15.87 36.56
N GLY A 318 -1.20 15.26 37.55
CA GLY A 318 -1.63 15.38 38.93
C GLY A 318 -2.16 14.10 39.56
N PHE A 319 -2.09 12.96 38.87
CA PHE A 319 -2.67 11.73 39.38
C PHE A 319 -1.80 11.12 40.47
N SER A 320 -2.46 10.55 41.49
CA SER A 320 -1.78 9.85 42.55
C SER A 320 -1.62 8.37 42.21
N ASN A 321 -0.47 7.81 42.59
CA ASN A 321 -0.20 6.38 42.48
C ASN A 321 -0.35 5.88 41.05
N ALA A 322 -0.06 6.73 40.08
CA ALA A 322 -0.12 6.33 38.67
C ALA A 322 0.69 5.06 38.48
N ARG A 323 0.10 4.10 37.76
CA ARG A 323 0.72 2.78 37.64
C ARG A 323 0.14 2.06 36.43
N ILE A 324 0.87 1.03 36.00
CA ILE A 324 0.43 0.13 34.93
C ILE A 324 -0.36 -1.01 35.56
N MET A 325 -1.64 -1.11 35.23
CA MET A 325 -2.46 -2.20 35.74
C MET A 325 -1.88 -3.55 35.33
N LYS A 326 -1.95 -4.53 36.24
CA LYS A 326 -1.40 -5.86 35.98
C LYS A 326 -2.52 -6.72 35.42
N ILE A 327 -2.76 -6.56 34.12
CA ILE A 327 -3.92 -7.13 33.45
C ILE A 327 -3.49 -7.59 32.07
N ALA A 328 -3.75 -8.85 31.75
CA ALA A 328 -3.36 -9.38 30.46
C ALA A 328 -4.39 -9.02 29.41
N GLY A 329 -3.91 -8.71 28.20
CA GLY A 329 -4.78 -8.30 27.13
C GLY A 329 -4.05 -7.45 26.10
N PRO A 330 -4.73 -7.14 25.00
CA PRO A 330 -4.07 -6.43 23.88
C PRO A 330 -3.69 -4.99 24.19
N ARG A 331 -4.22 -4.39 25.25
CA ARG A 331 -3.89 -3.03 25.62
C ARG A 331 -3.10 -2.99 26.92
N THR A 332 -2.45 -1.85 27.14
CA THR A 332 -1.90 -1.48 28.44
C THR A 332 -2.86 -0.50 29.11
N LEU A 333 -3.20 -0.75 30.38
CA LEU A 333 -4.07 0.13 31.15
C LEU A 333 -3.22 0.95 32.11
N ILE A 334 -3.33 2.27 32.03
CA ILE A 334 -2.66 3.18 32.96
C ILE A 334 -3.73 3.76 33.87
N VAL A 335 -3.46 3.74 35.17
CA VAL A 335 -4.48 4.03 36.16
C VAL A 335 -3.91 4.96 37.22
N GLY A 336 -4.73 5.90 37.67
CA GLY A 336 -4.38 6.81 38.74
C GLY A 336 -5.65 7.21 39.49
N GLU A 337 -5.45 7.96 40.58
CA GLU A 337 -6.55 8.36 41.44
C GLU A 337 -6.42 9.82 41.79
N LYS A 338 -7.54 10.43 42.20
CA LYS A 338 -7.55 11.84 42.59
C LYS A 338 -7.52 11.99 44.11
N PRO B 2 -8.30 -20.74 5.41
CA PRO B 2 -7.10 -20.37 4.64
C PRO B 2 -6.45 -19.08 5.19
N LEU B 3 -6.93 -17.93 4.72
CA LEU B 3 -6.51 -16.65 5.25
C LEU B 3 -7.51 -16.20 6.32
N THR B 4 -7.02 -15.44 7.30
CA THR B 4 -7.86 -14.95 8.39
C THR B 4 -8.19 -13.47 8.21
N LYS B 5 -9.10 -13.00 9.09
CA LYS B 5 -9.43 -11.59 9.11
C LYS B 5 -8.19 -10.75 9.40
N GLN B 6 -7.36 -11.18 10.34
CA GLN B 6 -6.15 -10.45 10.65
C GLN B 6 -5.21 -10.39 9.45
N ASP B 7 -5.14 -11.48 8.68
CA ASP B 7 -4.34 -11.44 7.45
C ASP B 7 -4.89 -10.41 6.48
N ALA B 8 -6.22 -10.38 6.31
CA ALA B 8 -6.83 -9.44 5.37
C ALA B 8 -6.63 -8.01 5.82
N VAL B 9 -6.77 -7.76 7.13
CA VAL B 9 -6.46 -6.44 7.69
C VAL B 9 -5.01 -6.07 7.41
N ASN B 10 -4.07 -6.96 7.72
CA ASN B 10 -2.66 -6.69 7.47
C ASN B 10 -2.42 -6.30 6.02
N GLN B 11 -3.06 -6.99 5.08
CA GLN B 11 -2.82 -6.64 3.68
C GLN B 11 -3.55 -5.37 3.28
N MET B 12 -4.72 -5.10 3.87
CA MET B 12 -5.40 -3.84 3.59
C MET B 12 -4.60 -2.65 4.09
N MET B 13 -3.87 -2.81 5.20
CA MET B 13 -3.01 -1.76 5.74
C MET B 13 -1.61 -1.77 5.16
N GLY B 14 -1.33 -2.63 4.19
CA GLY B 14 0.02 -2.76 3.65
C GLY B 14 0.54 -1.52 2.96
N PHE B 15 -0.32 -0.55 2.63
CA PHE B 15 0.21 0.70 2.12
C PHE B 15 0.99 1.47 3.18
N PHE B 16 0.81 1.11 4.46
CA PHE B 16 1.63 1.64 5.56
C PHE B 16 3.11 1.35 5.31
N GLN B 17 3.46 0.06 5.22
CA GLN B 17 4.85 -0.32 4.99
C GLN B 17 5.37 0.23 3.67
N ALA B 18 4.53 0.20 2.64
CA ALA B 18 4.94 0.65 1.32
C ALA B 18 5.44 2.09 1.37
N LYS B 19 4.60 3.00 1.88
CA LYS B 19 4.98 4.41 1.91
C LYS B 19 6.08 4.69 2.92
N ALA B 20 6.14 3.94 4.03
CA ALA B 20 7.26 4.09 4.95
C ALA B 20 8.58 3.90 4.23
N LEU B 21 8.66 2.90 3.34
CA LEU B 21 9.90 2.65 2.63
C LEU B 21 10.16 3.69 1.55
N THR B 22 9.13 4.07 0.76
CA THR B 22 9.40 5.04 -0.29
C THR B 22 9.70 6.41 0.30
N ALA B 23 9.04 6.76 1.42
CA ALA B 23 9.36 8.02 2.07
C ALA B 23 10.80 8.02 2.60
N ALA B 24 11.20 6.92 3.24
CA ALA B 24 12.57 6.79 3.73
C ALA B 24 13.58 6.90 2.59
N LEU B 25 13.30 6.29 1.44
CA LEU B 25 14.19 6.38 0.30
C LEU B 25 14.25 7.80 -0.25
N ALA B 26 13.09 8.46 -0.36
CA ALA B 26 13.02 9.79 -0.93
C ALA B 26 13.64 10.84 0.00
N LEU B 27 13.61 10.60 1.31
CA LEU B 27 14.30 11.49 2.24
C LEU B 27 15.79 11.17 2.34
N LYS B 28 16.26 10.13 1.63
CA LYS B 28 17.66 9.68 1.66
C LYS B 28 18.07 9.21 3.05
N LEU B 29 17.11 8.70 3.82
CA LEU B 29 17.33 8.41 5.23
C LEU B 29 18.45 7.41 5.44
N PHE B 30 18.47 6.33 4.65
CA PHE B 30 19.49 5.30 4.87
C PHE B 30 20.88 5.82 4.55
N ASP B 31 20.98 6.80 3.67
CA ASP B 31 22.28 7.38 3.31
C ASP B 31 22.98 8.01 4.51
N GLN B 32 22.24 8.41 5.54
CA GLN B 32 22.86 9.00 6.72
C GLN B 32 23.43 7.96 7.65
N LEU B 33 23.25 6.67 7.35
CA LEU B 33 23.89 5.59 8.08
C LEU B 33 24.91 4.84 7.23
N ARG B 34 25.36 5.44 6.12
CA ARG B 34 26.34 4.74 5.29
C ARG B 34 27.70 4.67 5.96
N ASP B 35 28.05 5.69 6.75
CA ASP B 35 29.34 5.75 7.41
C ASP B 35 29.28 5.54 8.92
N ARG B 36 28.17 5.87 9.57
CA ARG B 36 28.12 5.88 11.03
C ARG B 36 26.75 5.41 11.53
N ASP B 37 26.72 5.01 12.80
CA ASP B 37 25.49 4.67 13.50
C ASP B 37 25.04 5.87 14.32
N ALA B 38 23.79 6.31 14.12
CA ALA B 38 23.33 7.59 14.65
C ALA B 38 21.96 7.47 15.30
N ASP B 39 21.71 8.32 16.30
CA ASP B 39 20.41 8.37 16.95
C ASP B 39 19.45 9.20 16.10
N ALA B 40 18.20 9.29 16.58
CA ALA B 40 17.18 9.99 15.80
C ALA B 40 17.49 11.47 15.68
N ALA B 41 17.93 12.11 16.77
CA ALA B 41 18.16 13.55 16.75
C ALA B 41 19.27 13.92 15.77
N HIS B 42 20.27 13.05 15.64
CA HIS B 42 21.37 13.32 14.70
C HIS B 42 20.94 13.09 13.27
N ILE B 43 20.37 11.91 12.98
CA ILE B 43 19.80 11.63 11.66
C ILE B 43 18.82 12.72 11.25
N ALA B 44 18.08 13.25 12.22
CA ALA B 44 17.09 14.28 11.89
C ALA B 44 17.75 15.59 11.51
N ALA B 45 18.92 15.91 12.10
CA ALA B 45 19.63 17.12 11.70
C ALA B 45 20.29 16.94 10.33
N ARG B 46 20.89 15.78 10.08
CA ARG B 46 21.40 15.48 8.73
C ARG B 46 20.31 15.64 7.68
N LEU B 47 19.07 15.24 7.99
CA LEU B 47 17.97 15.26 7.04
C LEU B 47 17.20 16.58 7.01
N ASP B 48 17.43 17.48 7.96
CA ASP B 48 16.61 18.68 8.16
C ASP B 48 15.12 18.35 8.33
N CYS B 49 14.85 17.25 9.01
CA CYS B 49 13.48 16.99 9.43
C CYS B 49 13.35 17.14 10.94
N PRO B 50 12.16 17.47 11.46
CA PRO B 50 12.02 17.51 12.92
C PRO B 50 12.30 16.15 13.53
N ALA B 51 12.93 16.17 14.70
CA ALA B 51 13.34 14.93 15.36
C ALA B 51 12.15 14.03 15.68
N ARG B 52 11.01 14.63 16.07
CA ARG B 52 9.86 13.82 16.47
C ARG B 52 9.39 12.92 15.33
N SER B 53 9.10 13.50 14.17
CA SER B 53 8.62 12.71 13.04
C SER B 53 9.73 11.83 12.46
N THR B 54 10.97 12.31 12.46
CA THR B 54 12.08 11.45 12.03
C THR B 54 12.16 10.19 12.86
N GLU B 55 12.11 10.34 14.20
CA GLU B 55 12.12 9.18 15.09
C GLU B 55 10.92 8.27 14.83
N GLN B 56 9.75 8.86 14.55
CA GLN B 56 8.58 8.03 14.24
C GLN B 56 8.86 7.15 13.02
N LEU B 57 9.49 7.73 12.00
CA LEU B 57 9.82 6.92 10.83
C LEU B 57 10.90 5.90 11.16
N LEU B 58 11.91 6.31 11.94
CA LEU B 58 12.99 5.39 12.28
C LEU B 58 12.47 4.19 13.07
N ILE B 59 11.56 4.43 14.02
CA ILE B 59 11.01 3.32 14.79
C ILE B 59 10.28 2.35 13.86
N ALA B 60 9.49 2.88 12.93
CA ALA B 60 8.77 2.03 11.99
C ALA B 60 9.74 1.19 11.16
N LEU B 61 10.80 1.82 10.64
CA LEU B 61 11.81 1.09 9.87
C LEU B 61 12.52 0.04 10.72
N ARG B 62 12.75 0.35 11.99
CA ARG B 62 13.38 -0.63 12.88
C ARG B 62 12.45 -1.78 13.15
N ALA B 63 11.18 -1.50 13.43
CA ALA B 63 10.25 -2.60 13.65
C ALA B 63 9.99 -3.39 12.38
N MET B 64 10.05 -2.76 11.21
CA MET B 64 9.91 -3.55 9.99
C MET B 64 11.16 -4.39 9.68
N GLY B 65 12.24 -4.26 10.46
CA GLY B 65 13.44 -5.03 10.21
C GLY B 65 14.41 -4.44 9.20
N TYR B 66 14.28 -3.18 8.83
CA TYR B 66 15.20 -2.55 7.87
C TYR B 66 16.41 -1.95 8.59
N LEU B 67 16.23 -1.55 9.83
CA LEU B 67 17.29 -0.97 10.67
C LEU B 67 17.41 -1.79 11.96
N ASP B 68 18.60 -1.78 12.55
CA ASP B 68 18.90 -2.38 13.88
C ASP B 68 19.10 -1.21 14.86
N GLN B 69 18.87 -1.46 16.15
CA GLN B 69 19.01 -0.51 17.28
C GLN B 69 18.48 -1.15 18.56
N GLY B 72 19.07 4.87 21.94
CA GLY B 72 19.61 3.84 21.03
C GLY B 72 20.14 4.44 19.73
N LEU B 73 21.17 3.81 19.17
CA LEU B 73 21.81 4.19 17.89
C LEU B 73 21.29 3.27 16.77
N TYR B 74 20.80 3.85 15.68
CA TYR B 74 20.32 3.02 14.55
C TYR B 74 21.52 2.54 13.74
N HIS B 75 21.45 1.29 13.28
CA HIS B 75 22.49 0.66 12.43
C HIS B 75 21.84 0.05 11.20
N LEU B 76 22.42 0.35 10.04
CA LEU B 76 21.96 -0.16 8.73
C LEU B 76 22.64 -1.50 8.47
N PRO B 77 21.92 -2.64 8.50
CA PRO B 77 22.49 -3.94 8.21
C PRO B 77 23.28 -3.99 6.89
N ALA B 78 24.44 -4.63 6.93
CA ALA B 78 25.32 -4.71 5.76
C ALA B 78 24.58 -5.25 4.54
N ALA B 79 23.85 -6.35 4.73
CA ALA B 79 23.08 -6.96 3.65
C ALA B 79 22.06 -6.04 3.01
N HIS B 80 21.68 -4.95 3.69
CA HIS B 80 20.69 -4.02 3.15
C HIS B 80 21.32 -2.85 2.38
N ARG B 81 22.61 -2.58 2.59
CA ARG B 81 23.23 -1.42 1.96
C ARG B 81 22.99 -1.36 0.45
N ALA B 82 22.97 -2.53 -0.22
CA ALA B 82 23.01 -2.56 -1.67
C ALA B 82 21.78 -1.91 -2.30
N PHE B 83 20.62 -1.98 -1.63
CA PHE B 83 19.39 -1.48 -2.22
C PHE B 83 18.78 -0.31 -1.46
N LEU B 84 19.31 0.03 -0.29
CA LEU B 84 18.83 1.16 0.50
C LEU B 84 19.72 2.39 0.39
N LEU B 85 20.96 2.24 -0.08
CA LEU B 85 21.91 3.35 -0.24
C LEU B 85 21.86 3.88 -1.67
N SER B 86 21.80 5.20 -1.81
CA SER B 86 21.42 5.81 -3.09
C SER B 86 22.48 5.66 -4.18
N ASP B 87 23.74 5.41 -3.83
CA ASP B 87 24.75 5.25 -4.87
C ASP B 87 25.18 3.80 -5.05
N GLU B 88 24.44 2.87 -4.54
CA GLU B 88 24.79 1.50 -4.82
C GLU B 88 23.96 0.97 -5.99
N PRO B 89 24.51 0.00 -6.74
CA PRO B 89 23.88 -0.40 -8.01
C PRO B 89 22.45 -1.00 -7.92
N GLN B 90 21.99 -1.47 -6.76
CA GLN B 90 20.65 -2.02 -6.65
C GLN B 90 19.68 -1.08 -5.93
N TRP B 91 19.97 0.21 -5.93
CA TRP B 91 19.16 1.18 -5.19
C TRP B 91 17.70 1.14 -5.61
N LEU B 92 16.83 0.99 -4.63
CA LEU B 92 15.40 0.95 -4.88
C LEU B 92 14.76 2.34 -4.92
N GLY B 93 15.57 3.40 -4.84
CA GLY B 93 15.01 4.75 -4.85
C GLY B 93 14.35 5.13 -6.17
N TRP B 94 14.85 4.61 -7.29
CA TRP B 94 14.18 4.84 -8.56
C TRP B 94 12.76 4.28 -8.53
N LEU B 95 12.62 3.05 -8.05
CA LEU B 95 11.29 2.48 -7.90
C LEU B 95 10.41 3.36 -7.02
N GLY B 96 10.95 3.84 -5.90
CA GLY B 96 10.16 4.62 -4.97
C GLY B 96 9.59 5.89 -5.58
N ARG B 97 10.40 6.56 -6.43
CA ARG B 97 9.93 7.79 -7.07
C ARG B 97 8.83 7.49 -8.09
N HIS B 98 9.00 6.41 -8.85
CA HIS B 98 7.97 6.00 -9.80
C HIS B 98 6.67 5.64 -9.07
N ILE B 99 6.78 4.96 -7.94
CA ILE B 99 5.63 4.69 -7.08
C ILE B 99 5.01 6.00 -6.57
N ASP B 100 5.85 6.92 -6.07
CA ASP B 100 5.29 8.14 -5.46
C ASP B 100 4.65 9.04 -6.50
N THR B 101 5.21 9.09 -7.70
CA THR B 101 4.73 10.03 -8.73
C THR B 101 3.55 9.47 -9.51
N PHE B 102 3.57 8.17 -9.82
CA PHE B 102 2.62 7.64 -10.78
C PHE B 102 1.76 6.51 -10.23
N LEU B 103 2.37 5.46 -9.69
CA LEU B 103 1.64 4.23 -9.41
C LEU B 103 0.72 4.39 -8.21
N TYR B 104 1.23 4.95 -7.12
CA TYR B 104 0.40 5.08 -5.91
C TYR B 104 -0.83 5.93 -6.17
N PRO B 105 -0.73 7.12 -6.79
CA PRO B 105 -1.96 7.88 -7.05
C PRO B 105 -2.93 7.18 -7.98
N LEU B 106 -2.43 6.45 -8.98
CA LEU B 106 -3.33 5.84 -9.96
C LEU B 106 -4.05 4.65 -9.35
N TRP B 107 -3.36 3.88 -8.51
CA TRP B 107 -4.03 2.79 -7.80
C TRP B 107 -5.08 3.32 -6.83
N GLY B 108 -5.02 4.61 -6.48
CA GLY B 108 -6.07 5.18 -5.67
C GLY B 108 -7.44 5.06 -6.32
N GLU B 109 -7.47 5.05 -7.66
CA GLU B 109 -8.70 4.96 -8.43
C GLU B 109 -8.92 3.58 -9.07
N LEU B 110 -8.40 2.52 -8.45
CA LEU B 110 -8.56 1.18 -9.01
C LEU B 110 -10.04 0.81 -9.23
N LYS B 111 -10.91 1.17 -8.28
CA LYS B 111 -12.32 0.78 -8.40
C LYS B 111 -12.93 1.32 -9.69
N THR B 112 -12.69 2.59 -10.00
CA THR B 112 -13.26 3.18 -11.20
C THR B 112 -12.60 2.62 -12.45
N ALA B 113 -11.30 2.36 -12.39
CA ALA B 113 -10.63 1.67 -13.47
C ALA B 113 -11.33 0.35 -13.80
N VAL B 114 -11.62 -0.45 -12.76
CA VAL B 114 -12.29 -1.73 -12.96
C VAL B 114 -13.71 -1.54 -13.50
N ARG B 115 -14.45 -0.60 -12.92
CA ARG B 115 -15.81 -0.32 -13.37
C ARG B 115 -15.85 0.14 -14.82
N ASN B 116 -14.81 0.82 -15.30
CA ASN B 116 -14.82 1.37 -16.65
C ASN B 116 -13.86 0.69 -17.61
N ASP B 117 -13.03 -0.24 -17.13
CA ASP B 117 -11.93 -0.84 -17.91
C ASP B 117 -11.14 0.25 -18.61
N ALA B 118 -10.63 1.18 -17.81
CA ALA B 118 -10.03 2.40 -18.34
C ALA B 118 -8.95 2.89 -17.38
N HIS B 119 -7.82 3.31 -17.94
CA HIS B 119 -6.80 3.96 -17.14
C HIS B 119 -7.38 5.20 -16.44
N GLN B 120 -6.73 5.62 -15.36
CA GLN B 120 -7.18 6.76 -14.57
C GLN B 120 -6.24 7.95 -14.66
N ARG B 121 -5.49 8.07 -15.74
CA ARG B 121 -4.53 9.17 -15.87
C ARG B 121 -5.26 10.51 -15.88
N ARG B 122 -6.37 10.60 -16.60
CA ARG B 122 -7.12 11.84 -16.70
C ARG B 122 -7.70 12.25 -15.35
N THR B 123 -8.30 11.31 -14.62
CA THR B 123 -8.95 11.66 -13.37
C THR B 123 -7.94 11.96 -12.27
N VAL B 124 -6.79 11.30 -12.30
CA VAL B 124 -5.79 11.52 -11.26
C VAL B 124 -4.84 12.67 -11.59
N PHE B 125 -4.55 12.91 -12.86
CA PHE B 125 -3.57 13.93 -13.25
C PHE B 125 -4.16 15.06 -14.06
N GLY B 126 -5.41 14.94 -14.51
CA GLY B 126 -6.01 16.01 -15.28
C GLY B 126 -5.23 16.18 -16.56
N ASP B 127 -5.12 15.11 -17.33
CA ASP B 127 -4.17 15.02 -18.44
C ASP B 127 -4.63 13.84 -19.26
N ASP B 128 -5.05 14.09 -20.51
CA ASP B 128 -5.51 12.98 -21.34
C ASP B 128 -4.56 12.69 -22.49
N ARG B 129 -3.26 12.80 -22.22
CA ARG B 129 -2.24 12.32 -23.14
C ARG B 129 -2.00 10.82 -22.94
N SER B 130 -1.15 10.25 -23.78
CA SER B 130 -0.74 8.86 -23.71
C SER B 130 -0.11 8.52 -22.37
N TRP B 131 -0.10 7.23 -22.03
CA TRP B 131 0.67 6.78 -20.87
C TRP B 131 2.13 7.19 -21.01
N PHE B 132 2.76 6.82 -22.12
CA PHE B 132 4.17 7.08 -22.25
C PHE B 132 4.45 8.58 -22.42
N ASP B 133 3.52 9.32 -23.04
CA ASP B 133 3.68 10.77 -23.13
C ASP B 133 3.61 11.43 -21.75
N ILE B 134 2.67 11.00 -20.91
CA ILE B 134 2.60 11.52 -19.54
C ILE B 134 3.81 11.04 -18.75
N LEU B 135 4.13 9.75 -18.84
CA LEU B 135 5.27 9.20 -18.11
C LEU B 135 6.57 9.88 -18.50
N TYR B 136 6.74 10.17 -19.80
CA TYR B 136 7.99 10.73 -20.29
C TYR B 136 7.98 12.26 -20.36
N GLN B 137 6.95 12.92 -19.82
N GLN B 137 6.95 12.90 -19.79
CA GLN B 137 6.86 14.37 -19.92
CA GLN B 137 6.81 14.36 -19.81
C GLN B 137 8.08 15.07 -19.31
C GLN B 137 8.05 15.05 -19.30
N ASN B 138 8.77 14.42 -18.38
CA ASN B 138 9.86 15.02 -17.65
C ASN B 138 11.04 14.06 -17.66
N PRO B 139 12.20 14.47 -18.17
CA PRO B 139 13.35 13.54 -18.27
C PRO B 139 13.72 12.89 -16.94
N ASP B 140 13.37 13.52 -15.82
CA ASP B 140 13.59 12.89 -14.53
C ASP B 140 12.69 11.68 -14.34
N ASP B 141 11.44 11.75 -14.83
CA ASP B 141 10.56 10.59 -14.74
C ASP B 141 10.93 9.54 -15.77
N VAL B 142 11.49 9.96 -16.91
CA VAL B 142 12.08 9.01 -17.85
C VAL B 142 13.14 8.18 -17.16
N ALA B 143 14.13 8.86 -16.58
CA ALA B 143 15.20 8.21 -15.85
C ALA B 143 14.67 7.33 -14.73
N ASP B 144 13.71 7.85 -13.95
CA ASP B 144 13.13 7.03 -12.88
C ASP B 144 12.58 5.73 -13.42
N PHE B 145 11.73 5.81 -14.44
CA PHE B 145 11.13 4.63 -15.05
C PHE B 145 12.18 3.67 -15.57
N GLN B 146 13.06 4.18 -16.45
CA GLN B 146 14.03 3.32 -17.09
C GLN B 146 15.05 2.76 -16.11
N GLU B 147 15.41 3.50 -15.06
CA GLU B 147 16.40 2.97 -14.12
C GLU B 147 15.82 1.86 -13.27
N PHE B 148 14.61 2.05 -12.71
CA PHE B 148 14.05 1.02 -11.84
C PHE B 148 13.72 -0.24 -12.63
N LEU B 149 13.20 -0.09 -13.85
CA LEU B 149 12.99 -1.26 -14.68
C LEU B 149 14.32 -1.96 -14.96
N GLY B 150 15.40 -1.17 -15.11
CA GLY B 150 16.71 -1.77 -15.33
C GLY B 150 17.09 -2.73 -14.21
N LYS B 151 16.80 -2.37 -12.96
CA LYS B 151 17.11 -3.27 -11.86
C LYS B 151 16.26 -4.52 -11.89
N PHE B 152 14.97 -4.38 -12.27
CA PHE B 152 14.10 -5.54 -12.43
C PHE B 152 14.66 -6.52 -13.45
N ALA B 153 15.12 -6.01 -14.60
CA ALA B 153 15.57 -6.85 -15.73
C ALA B 153 16.94 -7.48 -15.54
N ALA B 154 17.72 -7.09 -14.54
CA ALA B 154 19.09 -7.57 -14.43
C ALA B 154 19.21 -9.08 -14.25
N PRO B 155 18.34 -9.76 -13.50
CA PRO B 155 18.44 -11.23 -13.48
C PRO B 155 17.99 -11.87 -14.79
N PHE B 156 16.95 -11.34 -15.42
CA PHE B 156 16.55 -11.85 -16.72
C PHE B 156 17.69 -11.69 -17.73
N ILE B 157 18.31 -10.52 -17.76
CA ILE B 157 19.36 -10.24 -18.74
C ILE B 157 20.53 -11.19 -18.57
N ALA B 158 20.97 -11.41 -17.32
CA ALA B 158 22.07 -12.35 -17.09
C ALA B 158 21.72 -13.74 -17.58
N GLY B 159 20.47 -14.17 -17.38
CA GLY B 159 20.08 -15.50 -17.82
C GLY B 159 19.89 -15.58 -19.32
N PHE B 160 19.35 -14.52 -19.92
CA PHE B 160 19.20 -14.48 -21.37
C PHE B 160 20.57 -14.54 -22.06
N VAL B 161 21.51 -13.72 -21.59
CA VAL B 161 22.86 -13.76 -22.15
C VAL B 161 23.53 -15.10 -21.86
N ARG B 162 23.13 -15.78 -20.78
CA ARG B 162 23.69 -17.05 -20.36
C ARG B 162 23.19 -18.22 -21.20
N ASP B 163 21.88 -18.39 -21.27
CA ASP B 163 21.27 -19.60 -21.78
C ASP B 163 20.81 -19.48 -23.22
N TYR B 164 21.06 -18.35 -23.87
CA TYR B 164 20.78 -18.18 -25.28
C TYR B 164 22.08 -17.88 -26.01
N ASP B 165 22.24 -18.44 -27.20
CA ASP B 165 23.46 -18.27 -27.98
C ASP B 165 23.23 -17.15 -28.98
N PHE B 166 23.81 -15.98 -28.70
CA PHE B 166 23.59 -14.85 -29.57
C PHE B 166 24.52 -14.87 -30.78
N SER B 167 25.61 -15.64 -30.72
CA SER B 167 26.50 -15.75 -31.87
C SER B 167 25.79 -16.29 -33.10
N GLN B 168 24.59 -16.86 -32.94
CA GLN B 168 23.79 -17.29 -34.08
C GLN B 168 23.56 -16.16 -35.06
N HIS B 169 23.63 -14.93 -34.59
CA HIS B 169 23.04 -13.78 -35.25
C HIS B 169 24.08 -12.75 -35.62
N ARG B 170 23.94 -12.15 -36.79
CA ARG B 170 24.90 -11.13 -37.21
C ARG B 170 24.53 -9.78 -36.62
N ALA B 171 23.23 -9.48 -36.54
CA ALA B 171 22.76 -8.20 -36.05
C ALA B 171 21.55 -8.41 -35.16
N PHE B 172 21.35 -7.47 -34.23
CA PHE B 172 20.35 -7.63 -33.17
C PHE B 172 19.66 -6.30 -32.94
N LEU B 173 18.34 -6.31 -32.92
CA LEU B 173 17.55 -5.09 -32.73
C LEU B 173 16.61 -5.29 -31.56
N ASP B 174 16.68 -4.37 -30.60
CA ASP B 174 15.91 -4.41 -29.37
C ASP B 174 14.89 -3.28 -29.44
N ILE B 175 13.64 -3.62 -29.75
CA ILE B 175 12.55 -2.65 -29.78
C ILE B 175 12.06 -2.41 -28.36
N GLY B 176 12.00 -1.15 -27.95
CA GLY B 176 11.56 -0.86 -26.60
C GLY B 176 12.56 -1.25 -25.55
N SER B 177 13.86 -1.21 -25.89
CA SER B 177 14.93 -1.66 -25.02
C SER B 177 14.99 -0.89 -23.71
N GLY B 178 14.38 0.30 -23.64
CA GLY B 178 14.40 1.06 -22.40
C GLY B 178 15.74 1.63 -22.01
N ILE B 179 16.34 1.11 -20.94
CA ILE B 179 17.65 1.58 -20.50
C ILE B 179 18.80 0.94 -21.27
N GLY B 180 18.51 -0.05 -22.11
CA GLY B 180 19.51 -0.62 -22.98
C GLY B 180 20.46 -1.61 -22.35
N SER B 181 20.24 -2.02 -21.10
CA SER B 181 21.18 -2.92 -20.45
C SER B 181 21.24 -4.29 -21.11
N LEU B 182 20.27 -4.66 -21.92
CA LEU B 182 20.40 -5.95 -22.58
C LEU B 182 21.40 -5.85 -23.72
N PRO B 183 21.27 -4.89 -24.67
CA PRO B 183 22.37 -4.69 -25.64
C PRO B 183 23.73 -4.52 -25.00
N MET B 184 23.80 -3.82 -23.86
CA MET B 184 25.08 -3.67 -23.16
C MET B 184 25.65 -5.02 -22.74
N ALA B 185 24.81 -5.88 -22.17
CA ALA B 185 25.26 -7.22 -21.79
C ALA B 185 25.65 -8.05 -23.01
N ILE B 186 24.88 -7.94 -24.11
CA ILE B 186 25.23 -8.65 -25.33
C ILE B 186 26.56 -8.13 -25.89
N ALA B 187 26.81 -6.83 -25.75
CA ALA B 187 28.08 -6.26 -26.22
C ALA B 187 29.26 -6.81 -25.43
N ASP B 188 29.14 -6.86 -24.10
CA ASP B 188 30.25 -7.38 -23.30
C ASP B 188 30.58 -8.81 -23.69
N ALA B 189 29.57 -9.60 -24.06
CA ALA B 189 29.76 -11.03 -24.25
C ALA B 189 29.93 -11.46 -25.71
N TYR B 190 29.57 -10.60 -26.67
CA TYR B 190 29.54 -10.98 -28.09
C TYR B 190 30.10 -9.82 -28.91
N PRO B 191 31.43 -9.71 -28.98
CA PRO B 191 32.04 -8.49 -29.54
C PRO B 191 31.72 -8.16 -30.99
N GLY B 192 31.24 -9.10 -31.79
CA GLY B 192 31.08 -8.75 -33.19
C GLY B 192 29.69 -8.37 -33.63
N ILE B 193 28.67 -8.78 -32.89
CA ILE B 193 27.28 -8.63 -33.32
C ILE B 193 26.93 -7.15 -33.37
N ALA B 194 26.29 -6.75 -34.48
CA ALA B 194 25.73 -5.41 -34.57
C ALA B 194 24.56 -5.28 -33.61
N LEU B 195 24.46 -4.11 -32.97
CA LEU B 195 23.46 -3.86 -31.94
C LEU B 195 22.72 -2.56 -32.23
N ALA B 196 21.39 -2.60 -32.18
CA ALA B 196 20.60 -1.40 -32.39
C ALA B 196 19.39 -1.42 -31.46
N ILE B 197 18.82 -0.24 -31.24
CA ILE B 197 17.64 -0.09 -30.39
C ILE B 197 16.65 0.81 -31.11
N CYS B 198 15.38 0.44 -31.07
CA CYS B 198 14.32 1.33 -31.55
C CYS B 198 13.46 1.73 -30.37
N GLU B 199 13.32 3.04 -30.15
CA GLU B 199 12.61 3.52 -28.97
C GLU B 199 11.81 4.77 -29.30
N LEU B 200 10.90 5.11 -28.40
CA LEU B 200 10.15 6.35 -28.48
C LEU B 200 11.07 7.56 -28.29
N PRO B 201 10.67 8.73 -28.79
CA PRO B 201 11.64 9.86 -28.84
C PRO B 201 12.25 10.24 -27.49
N GLN B 202 11.46 10.27 -26.42
CA GLN B 202 12.00 10.68 -25.13
C GLN B 202 12.86 9.59 -24.51
N ALA B 203 12.47 8.33 -24.67
CA ALA B 203 13.34 7.26 -24.21
C ALA B 203 14.64 7.27 -24.98
N SER B 204 14.58 7.65 -26.26
CA SER B 204 15.77 7.68 -27.10
C SER B 204 16.76 8.73 -26.62
N ALA B 205 16.25 9.87 -26.16
CA ALA B 205 17.13 10.93 -25.67
C ALA B 205 17.86 10.50 -24.40
N PHE B 206 17.12 9.91 -23.47
CA PHE B 206 17.75 9.36 -22.28
C PHE B 206 18.76 8.30 -22.66
N LEU B 207 18.39 7.41 -23.59
CA LEU B 207 19.25 6.28 -23.97
C LEU B 207 20.57 6.74 -24.54
N ARG B 208 20.53 7.69 -25.48
CA ARG B 208 21.76 8.21 -26.06
C ARG B 208 22.71 8.67 -24.98
N ASP B 209 22.21 9.47 -24.03
CA ASP B 209 23.03 9.95 -22.92
C ASP B 209 23.53 8.77 -22.09
N LYS B 210 22.63 7.85 -21.73
CA LYS B 210 22.99 6.78 -20.81
C LYS B 210 23.99 5.82 -21.45
N LEU B 211 23.79 5.46 -22.72
CA LEU B 211 24.73 4.56 -23.40
C LEU B 211 26.09 5.23 -23.63
N THR B 212 26.09 6.52 -23.99
CA THR B 212 27.34 7.23 -24.20
C THR B 212 28.14 7.31 -22.91
N LEU B 213 27.46 7.62 -21.81
CA LEU B 213 28.11 7.69 -20.51
C LEU B 213 28.77 6.37 -20.15
N GLN B 214 28.08 5.26 -20.39
CA GLN B 214 28.56 3.94 -20.03
C GLN B 214 29.63 3.40 -20.98
N GLY B 215 29.91 4.08 -22.08
CA GLY B 215 30.96 3.64 -22.98
C GLY B 215 30.50 2.77 -24.13
N TYR B 216 29.21 2.80 -24.46
CA TYR B 216 28.64 1.99 -25.54
C TYR B 216 28.07 2.84 -26.66
N GLY B 217 28.45 4.13 -26.73
CA GLY B 217 27.80 5.03 -27.65
C GLY B 217 28.12 4.76 -29.09
N GLU B 218 29.34 4.33 -29.38
CA GLU B 218 29.67 3.94 -30.74
C GLU B 218 29.28 2.52 -31.06
N ARG B 219 28.93 1.73 -30.05
CA ARG B 219 28.67 0.31 -30.23
C ARG B 219 27.20 -0.03 -30.43
N ILE B 220 26.26 0.77 -29.92
CA ILE B 220 24.84 0.45 -29.97
C ILE B 220 24.09 1.57 -30.68
N ASP B 221 23.53 1.28 -31.84
CA ASP B 221 22.78 2.27 -32.61
C ASP B 221 21.43 2.54 -31.94
N VAL B 222 21.13 3.82 -31.69
CA VAL B 222 19.83 4.22 -31.13
C VAL B 222 19.04 4.91 -32.22
N VAL B 223 17.86 4.37 -32.52
CA VAL B 223 17.03 4.82 -33.63
C VAL B 223 15.62 5.06 -33.11
N GLU B 224 15.13 6.29 -33.22
CA GLU B 224 13.77 6.58 -32.80
C GLU B 224 12.78 5.97 -33.77
N GLY B 225 11.66 5.51 -33.23
CA GLY B 225 10.65 4.91 -34.06
C GLY B 225 9.42 4.58 -33.24
N ASP B 226 8.54 3.80 -33.84
CA ASP B 226 7.24 3.52 -33.25
C ASP B 226 6.76 2.17 -33.79
N VAL B 227 6.84 1.13 -32.97
CA VAL B 227 6.47 -0.19 -33.43
C VAL B 227 4.98 -0.29 -33.69
N ILE B 228 4.16 0.52 -33.01
CA ILE B 228 2.73 0.47 -33.26
C ILE B 228 2.40 1.04 -34.64
N SER B 229 3.08 2.13 -35.01
CA SER B 229 2.84 2.73 -36.32
C SER B 229 3.60 2.03 -37.44
N GLY B 230 4.60 1.21 -37.13
CA GLY B 230 5.38 0.55 -38.14
C GLY B 230 6.67 1.25 -38.50
N ASP B 231 6.99 2.35 -37.82
CA ASP B 231 8.21 3.13 -38.03
C ASP B 231 9.37 2.40 -37.35
N LEU B 232 10.02 1.50 -38.08
CA LEU B 232 11.07 0.62 -37.59
C LEU B 232 12.29 0.68 -38.51
N PRO B 233 13.49 0.52 -37.96
CA PRO B 233 14.69 0.56 -38.80
C PRO B 233 14.89 -0.76 -39.55
N ILE B 234 15.71 -0.71 -40.59
CA ILE B 234 16.03 -1.89 -41.39
C ILE B 234 17.54 -2.04 -41.48
N GLY B 235 18.04 -3.17 -40.99
CA GLY B 235 19.42 -3.56 -41.14
C GLY B 235 19.41 -5.04 -41.44
N GLY B 236 20.39 -5.75 -40.95
CA GLY B 236 20.31 -7.19 -41.12
C GLY B 236 19.87 -7.81 -39.82
N TYR B 237 18.81 -7.28 -39.21
CA TYR B 237 18.44 -7.67 -37.86
C TYR B 237 17.86 -9.08 -37.87
N ASP B 238 18.75 -10.07 -37.98
CA ASP B 238 18.25 -11.44 -38.00
C ASP B 238 17.79 -11.93 -36.64
N LEU B 239 18.00 -11.17 -35.57
CA LEU B 239 17.30 -11.37 -34.30
C LEU B 239 16.73 -10.05 -33.86
N ILE B 240 15.43 -10.05 -33.54
CA ILE B 240 14.73 -8.91 -32.97
C ILE B 240 14.15 -9.33 -31.63
N HIS B 241 14.16 -8.41 -30.67
CA HIS B 241 13.68 -8.69 -29.33
C HIS B 241 12.70 -7.60 -28.91
N LEU B 242 11.72 -7.98 -28.11
CA LEU B 242 10.74 -7.04 -27.56
C LEU B 242 10.54 -7.40 -26.09
N GLY B 243 11.20 -6.67 -25.20
CA GLY B 243 11.19 -6.99 -23.79
C GLY B 243 10.19 -6.21 -22.95
N TRP B 244 9.23 -6.91 -22.40
CA TRP B 244 8.21 -6.31 -21.49
C TRP B 244 7.52 -5.11 -22.10
N MET B 245 7.07 -5.20 -23.33
CA MET B 245 6.30 -4.13 -23.94
C MET B 245 4.88 -4.53 -24.30
N LEU B 246 4.68 -5.79 -24.72
CA LEU B 246 3.35 -6.24 -25.11
C LEU B 246 2.32 -5.96 -24.02
N HIS B 247 2.68 -6.15 -22.75
CA HIS B 247 1.72 -6.04 -21.66
C HIS B 247 1.34 -4.59 -21.33
N ASP B 248 1.96 -3.60 -21.96
CA ASP B 248 1.56 -2.21 -21.82
C ASP B 248 0.45 -1.83 -22.79
N TYR B 249 -0.06 -2.77 -23.59
CA TYR B 249 -1.08 -2.45 -24.58
C TYR B 249 -2.13 -3.55 -24.63
N ALA B 250 -3.28 -3.20 -25.19
CA ALA B 250 -4.38 -4.13 -25.30
C ALA B 250 -4.06 -5.23 -26.31
N PRO B 251 -4.57 -6.45 -26.09
CA PRO B 251 -4.37 -7.55 -27.04
C PRO B 251 -4.48 -7.13 -28.50
N GLU B 252 -5.58 -6.42 -28.80
CA GLU B 252 -5.79 -5.89 -30.14
C GLU B 252 -4.61 -5.06 -30.61
N THR B 253 -4.02 -4.27 -29.72
CA THR B 253 -2.85 -3.48 -30.10
C THR B 253 -1.59 -4.33 -30.17
N GLN B 254 -1.48 -5.36 -29.34
CA GLN B 254 -0.35 -6.27 -29.45
C GLN B 254 -0.35 -6.96 -30.81
N LEU B 255 -1.53 -7.26 -31.33
CA LEU B 255 -1.65 -7.80 -32.68
C LEU B 255 -0.98 -6.89 -33.69
N THR B 256 -1.29 -5.58 -33.64
CA THR B 256 -0.67 -4.62 -34.54
C THR B 256 0.85 -4.62 -34.38
N ILE B 257 1.33 -4.60 -33.14
CA ILE B 257 2.78 -4.56 -32.90
C ILE B 257 3.45 -5.79 -33.52
N LEU B 258 2.90 -6.97 -33.25
CA LEU B 258 3.49 -8.19 -33.76
C LEU B 258 3.40 -8.26 -35.29
N ARG B 259 2.31 -7.75 -35.86
CA ARG B 259 2.17 -7.75 -37.32
C ARG B 259 3.25 -6.89 -37.96
N ASN B 260 3.49 -5.70 -37.39
CA ASN B 260 4.53 -4.81 -37.89
C ASN B 260 5.91 -5.44 -37.74
N ILE B 261 6.16 -6.07 -36.59
CA ILE B 261 7.47 -6.68 -36.39
C ILE B 261 7.71 -7.76 -37.43
N TYR B 262 6.67 -8.53 -37.75
CA TYR B 262 6.81 -9.58 -38.75
C TYR B 262 7.11 -9.00 -40.14
N ARG B 263 6.42 -7.92 -40.49
CA ARG B 263 6.67 -7.26 -41.77
C ARG B 263 8.09 -6.70 -41.82
N ALA B 264 8.69 -6.39 -40.67
CA ALA B 264 9.97 -5.72 -40.63
C ALA B 264 11.18 -6.66 -40.66
N MET B 265 10.96 -7.99 -40.35
CA MET B 265 12.13 -8.84 -40.14
C MET B 265 12.60 -9.47 -41.45
N PRO B 266 13.91 -9.75 -41.54
CA PRO B 266 14.43 -10.39 -42.75
C PRO B 266 14.00 -11.85 -42.83
N ALA B 267 13.93 -12.36 -44.06
CA ALA B 267 13.70 -13.78 -44.25
C ALA B 267 14.74 -14.57 -43.48
N GLY B 268 14.30 -15.68 -42.87
CA GLY B 268 15.18 -16.41 -41.99
C GLY B 268 15.43 -15.74 -40.65
N GLY B 269 14.73 -14.64 -40.37
CA GLY B 269 14.93 -13.95 -39.12
C GLY B 269 14.19 -14.59 -37.97
N ARG B 270 14.59 -14.20 -36.75
CA ARG B 270 13.99 -14.71 -35.53
C ARG B 270 13.55 -13.53 -34.67
N PHE B 271 12.37 -13.65 -34.09
CA PHE B 271 11.81 -12.66 -33.17
C PHE B 271 11.58 -13.29 -31.80
N ILE B 272 11.91 -12.54 -30.75
CA ILE B 272 11.74 -12.99 -29.37
C ILE B 272 11.08 -11.88 -28.57
N ALA B 273 9.90 -12.16 -28.01
CA ALA B 273 9.28 -11.32 -27.00
C ALA B 273 9.53 -11.95 -25.63
N SER B 274 9.92 -11.13 -24.65
CA SER B 274 10.13 -11.60 -23.29
C SER B 274 9.06 -10.98 -22.41
N GLU B 275 8.22 -11.82 -21.80
CA GLU B 275 7.14 -11.38 -20.93
C GLU B 275 7.21 -12.13 -19.61
N THR B 276 6.29 -11.77 -18.70
CA THR B 276 6.05 -12.49 -17.45
C THR B 276 4.61 -12.98 -17.49
N PRO B 277 4.33 -14.10 -18.15
CA PRO B 277 2.95 -14.49 -18.37
C PRO B 277 2.31 -15.01 -17.10
N LEU B 278 1.00 -14.82 -17.02
CA LEU B 278 0.20 -15.59 -16.06
C LEU B 278 0.29 -17.07 -16.39
N ASN B 279 0.00 -17.90 -15.39
CA ASN B 279 0.08 -19.34 -15.55
C ASN B 279 -1.08 -19.87 -16.39
N GLU B 280 -1.15 -21.19 -16.52
CA GLU B 280 -1.92 -21.82 -17.58
C GLU B 280 -3.42 -21.59 -17.42
N ASP B 281 -3.93 -21.66 -16.20
CA ASP B 281 -5.33 -21.33 -15.98
C ASP B 281 -5.51 -19.91 -15.43
N LYS B 282 -4.51 -19.05 -15.62
CA LYS B 282 -4.61 -17.63 -15.30
C LYS B 282 -5.16 -17.43 -13.89
N SER B 283 -4.35 -17.87 -12.93
CA SER B 283 -4.72 -17.79 -11.53
C SER B 283 -3.54 -17.34 -10.68
N GLY B 284 -2.42 -16.95 -11.32
CA GLY B 284 -1.23 -16.53 -10.62
C GLY B 284 -0.10 -16.39 -11.63
N PRO B 285 1.14 -16.11 -11.16
CA PRO B 285 1.51 -15.78 -9.77
C PRO B 285 0.97 -14.43 -9.29
N GLU B 286 1.17 -14.16 -8.00
CA GLU B 286 0.52 -13.03 -7.35
C GLU B 286 1.05 -11.71 -7.88
N PHE B 287 2.36 -11.57 -8.00
CA PHE B 287 2.93 -10.30 -8.49
C PHE B 287 2.48 -10.02 -9.92
N THR B 288 2.52 -11.04 -10.79
CA THR B 288 2.07 -10.86 -12.16
C THR B 288 0.59 -10.48 -12.22
N ALA B 289 -0.24 -11.14 -11.40
CA ALA B 289 -1.66 -10.84 -11.39
C ALA B 289 -1.93 -9.39 -10.99
N LEU B 290 -1.19 -8.88 -10.01
CA LEU B 290 -1.35 -7.48 -9.61
C LEU B 290 -0.76 -6.50 -10.61
N LEU B 291 0.35 -6.88 -11.27
CA LEU B 291 0.90 -6.05 -12.34
C LEU B 291 -0.14 -5.81 -13.43
N SER B 292 -0.97 -6.80 -13.75
CA SER B 292 -2.05 -6.58 -14.71
C SER B 292 -2.97 -5.45 -14.27
N LEU B 293 -3.32 -5.42 -12.98
CA LEU B 293 -4.11 -4.30 -12.47
C LEU B 293 -3.31 -3.00 -12.55
N ASN B 294 -2.01 -3.07 -12.27
CA ASN B 294 -1.16 -1.91 -12.46
C ASN B 294 -1.23 -1.42 -13.90
N MET B 295 -1.20 -2.34 -14.87
CA MET B 295 -1.35 -1.93 -16.26
C MET B 295 -2.73 -1.37 -16.53
N LEU B 296 -3.76 -1.90 -15.87
CA LEU B 296 -5.11 -1.37 -16.03
C LEU B 296 -5.19 0.09 -15.62
N VAL B 297 -4.64 0.43 -14.46
CA VAL B 297 -4.85 1.80 -13.95
C VAL B 297 -3.98 2.81 -14.67
N SER B 298 -2.87 2.40 -15.30
CA SER B 298 -1.91 3.37 -15.82
C SER B 298 -1.80 3.39 -17.34
N THR B 299 -1.79 2.24 -18.00
CA THR B 299 -1.41 2.17 -19.40
C THR B 299 -2.61 2.33 -20.33
N ASP B 300 -2.29 2.40 -21.62
CA ASP B 300 -3.32 2.42 -22.66
C ASP B 300 -3.68 0.98 -23.02
N GLY B 301 -4.47 0.38 -22.14
CA GLY B 301 -5.07 -0.93 -22.37
C GLY B 301 -4.27 -2.12 -21.90
N GLY B 302 -3.21 -1.92 -21.11
CA GLY B 302 -2.33 -3.01 -20.77
C GLY B 302 -2.96 -4.04 -19.86
N ILE B 303 -2.38 -5.26 -19.90
CA ILE B 303 -2.92 -6.44 -19.23
C ILE B 303 -1.88 -7.54 -19.33
N GLU B 304 -1.87 -8.46 -18.37
CA GLU B 304 -1.01 -9.64 -18.43
C GLU B 304 -1.78 -10.81 -19.08
N SER B 305 -1.03 -11.76 -19.64
CA SER B 305 -1.63 -12.85 -20.42
C SER B 305 -0.98 -14.18 -20.06
N SER B 306 -1.66 -15.26 -20.44
CA SER B 306 -1.05 -16.58 -20.40
C SER B 306 -0.12 -16.77 -21.59
N ALA B 307 0.76 -17.78 -21.47
CA ALA B 307 1.70 -18.08 -22.54
C ALA B 307 0.97 -18.50 -23.81
N GLN B 308 -0.11 -19.26 -23.66
CA GLN B 308 -0.89 -19.67 -24.84
C GLN B 308 -1.51 -18.47 -25.53
N GLU B 309 -1.93 -17.47 -24.74
CA GLU B 309 -2.46 -16.25 -25.32
C GLU B 309 -1.40 -15.53 -26.17
N TYR B 310 -0.14 -15.50 -25.70
CA TYR B 310 0.91 -14.94 -26.52
C TYR B 310 1.17 -15.80 -27.76
N LEU B 311 1.18 -17.13 -27.58
CA LEU B 311 1.35 -18.02 -28.72
C LEU B 311 0.30 -17.73 -29.79
N ASP B 312 -0.96 -17.60 -29.39
CA ASP B 312 -2.02 -17.32 -30.36
C ASP B 312 -1.75 -16.02 -31.10
N ARG B 313 -1.25 -15.01 -30.38
CA ARG B 313 -0.99 -13.73 -31.03
C ARG B 313 0.16 -13.84 -32.01
N PHE B 314 1.22 -14.56 -31.64
CA PHE B 314 2.32 -14.76 -32.59
C PHE B 314 1.82 -15.44 -33.86
N ARG B 315 0.98 -16.47 -33.70
CA ARG B 315 0.48 -17.18 -34.87
C ARG B 315 -0.42 -16.28 -35.71
N LEU B 316 -1.32 -15.53 -35.07
CA LEU B 316 -2.24 -14.68 -35.82
C LEU B 316 -1.54 -13.50 -36.49
N ALA B 317 -0.40 -13.06 -35.96
CA ALA B 317 0.36 -12.01 -36.62
C ALA B 317 1.23 -12.54 -37.77
N GLY B 318 1.23 -13.85 -38.00
CA GLY B 318 1.91 -14.43 -39.13
C GLY B 318 3.25 -15.07 -38.85
N PHE B 319 3.63 -15.24 -37.58
CA PHE B 319 4.91 -15.85 -37.28
C PHE B 319 4.85 -17.36 -37.50
N SER B 320 5.95 -17.90 -38.03
CA SER B 320 6.09 -19.34 -38.27
C SER B 320 6.81 -19.97 -37.08
N ASN B 321 6.37 -21.18 -36.72
CA ASN B 321 7.06 -21.99 -35.70
C ASN B 321 6.99 -21.34 -34.32
N ALA B 322 5.86 -20.69 -34.02
CA ALA B 322 5.68 -20.02 -32.74
C ALA B 322 5.86 -21.00 -31.58
N ARG B 323 6.67 -20.64 -30.60
CA ARG B 323 7.04 -21.56 -29.54
C ARG B 323 7.45 -20.81 -28.28
N ILE B 324 7.47 -21.54 -27.18
CA ILE B 324 7.88 -21.03 -25.85
C ILE B 324 9.31 -21.49 -25.60
N MET B 325 10.13 -20.61 -25.03
CA MET B 325 11.50 -20.94 -24.60
C MET B 325 11.61 -20.65 -23.09
N LYS B 326 12.08 -21.64 -22.34
CA LYS B 326 12.27 -21.55 -20.87
C LYS B 326 13.72 -21.17 -20.60
N ILE B 327 13.92 -20.17 -19.76
CA ILE B 327 15.28 -19.62 -19.48
C ILE B 327 15.42 -19.24 -18.01
N ALA B 328 16.65 -18.99 -17.59
CA ALA B 328 16.86 -18.55 -16.19
C ALA B 328 16.30 -17.15 -16.04
N GLY B 329 15.75 -16.83 -14.89
CA GLY B 329 15.22 -15.48 -14.70
C GLY B 329 13.72 -15.49 -14.65
N PRO B 330 13.12 -14.35 -14.34
CA PRO B 330 11.69 -14.28 -14.17
C PRO B 330 10.85 -14.18 -15.43
N ARG B 331 11.46 -14.25 -16.62
CA ARG B 331 10.71 -14.03 -17.88
C ARG B 331 10.54 -15.28 -18.74
N THR B 332 9.45 -15.33 -19.48
CA THR B 332 9.15 -16.41 -20.43
C THR B 332 9.42 -15.88 -21.84
N LEU B 333 10.22 -16.58 -22.63
CA LEU B 333 10.46 -16.08 -24.00
C LEU B 333 9.51 -16.75 -24.98
N ILE B 334 8.87 -15.95 -25.81
CA ILE B 334 8.04 -16.39 -26.92
C ILE B 334 8.79 -16.12 -28.21
N VAL B 335 8.97 -17.15 -29.02
CA VAL B 335 9.85 -17.11 -30.18
C VAL B 335 9.00 -17.28 -31.42
N GLY B 336 9.29 -16.48 -32.43
CA GLY B 336 8.61 -16.60 -33.72
C GLY B 336 9.60 -16.40 -34.84
N GLU B 337 9.30 -16.98 -35.99
CA GLU B 337 10.23 -16.94 -37.10
C GLU B 337 9.53 -16.59 -38.41
N LYS B 338 10.35 -16.19 -39.38
CA LYS B 338 9.89 -15.84 -40.71
C LYS B 338 10.60 -16.71 -41.75
C ACT C . -7.51 4.75 14.77
O ACT C . -7.93 5.84 15.28
OXT ACT C . -7.51 4.37 13.56
CH3 ACT C . -6.92 3.76 15.80
H1 ACT C . -6.97 4.15 16.70
H2 ACT C . -6.00 3.57 15.59
H3 ACT C . -7.42 2.93 15.80
N SAH D . -12.85 4.27 23.08
CA SAH D . -13.06 3.50 21.85
CB SAH D . -12.88 4.37 20.60
CG SAH D . -11.53 5.07 20.35
SD SAH D . -11.57 6.14 18.86
C SAH D . -12.13 2.30 21.85
O SAH D . -11.42 2.06 22.82
OXT SAH D . -12.07 1.56 20.87
C5' SAH D . -11.37 7.67 19.80
C4' SAH D . -12.69 8.34 20.19
O4' SAH D . -12.41 9.52 20.93
C3' SAH D . -13.49 8.75 18.97
O3' SAH D . -14.76 8.16 19.01
C2' SAH D . -13.61 10.25 19.08
O2' SAH D . -14.89 10.73 18.71
C1' SAH D . -13.32 10.53 20.54
N9 SAH D . -12.72 11.86 20.72
C8 SAH D . -11.70 12.43 20.01
N7 SAH D . -11.47 13.68 20.51
C5 SAH D . -12.35 13.91 21.51
C6 SAH D . -12.54 15.00 22.34
N6 SAH D . -11.78 16.08 22.21
N1 SAH D . -13.53 14.94 23.30
C2 SAH D . -14.30 13.81 23.43
N3 SAH D . -14.11 12.72 22.60
C4 SAH D . -13.14 12.78 21.66
HN1 SAH D . -12.56 5.20 22.86
HN2 SAH D . -13.67 4.30 23.58
HA SAH D . -14.01 3.20 21.83
HB1 SAH D . -13.54 5.10 20.61
HB2 SAH D . -13.02 3.81 19.81
HG1 SAH D . -10.83 4.39 20.26
HG2 SAH D . -11.31 5.62 21.13
H5'1 SAH D . -10.88 8.29 19.27
H5'2 SAH D . -10.89 7.48 20.60
H4' SAH D . -13.21 7.71 20.76
H3' SAH D . -13.01 8.52 18.13
HO3' SAH D . -15.16 8.42 19.71
H2' SAH D . -12.94 10.71 18.51
HO2' SAH D . -14.90 11.58 18.79
H1' SAH D . -14.15 10.43 21.06
H8 SAH D . -11.21 12.07 19.30
HN61 SAH D . -11.91 16.77 22.73
HN62 SAH D . -11.16 16.10 21.59
C ACT E . 6.16 -1.52 -15.76
O ACT E . 5.92 -1.15 -14.57
OXT ACT E . 5.99 -0.90 -16.84
CH3 ACT E . 6.73 -2.98 -15.88
H1 ACT E . 6.82 -3.37 -15.01
H2 ACT E . 7.60 -2.95 -16.31
H3 ACT E . 6.13 -3.52 -16.42
N SAH F . 12.74 -3.60 -22.70
CA SAH F . 12.99 -3.11 -21.34
CB SAH F . 12.01 -1.99 -20.95
CG SAH F . 10.52 -2.29 -21.08
SD SAH F . 9.48 -0.87 -20.60
C SAH F . 12.91 -4.30 -20.38
O SAH F . 12.86 -4.19 -19.16
OXT SAH F . 12.92 -5.44 -20.84
C5' SAH F . 8.65 -0.72 -22.19
C4' SAH F . 9.42 0.08 -23.22
O4' SAH F . 8.73 0.06 -24.46
C3' SAH F . 9.59 1.55 -22.84
O3' SAH F . 10.96 1.90 -22.88
C2' SAH F . 8.89 2.32 -23.94
O2' SAH F . 9.64 3.47 -24.25
C1' SAH F . 8.87 1.32 -25.08
N9 SAH F . 7.78 1.58 -26.03
C8 SAH F . 6.46 1.76 -25.72
N7 SAH F . 5.76 1.95 -26.85
C5 SAH F . 6.62 1.89 -27.89
C6 SAH F . 6.41 2.02 -29.24
N6 SAH F . 5.17 2.26 -29.69
N1 SAH F . 7.48 1.90 -30.10
C2 SAH F . 8.75 1.65 -29.60
N3 SAH F . 8.97 1.53 -28.24
C4 SAH F . 7.90 1.65 -27.39
HN1 SAH F . 11.94 -3.14 -23.09
HN2 SAH F . 13.51 -3.41 -23.26
HA SAH F . 13.88 -2.71 -21.31
HB1 SAH F . 12.18 -1.21 -21.53
HB2 SAH F . 12.17 -1.75 -20.02
HG1 SAH F . 10.31 -3.06 -20.51
HG2 SAH F . 10.32 -2.53 -22.01
H5'1 SAH F . 7.80 -0.28 -22.05
H5'2 SAH F . 8.49 -1.59 -22.54
H4' SAH F . 10.31 -0.33 -23.35
H3' SAH F . 9.14 1.74 -21.98
HO3' SAH F . 11.25 1.76 -23.67
H2' SAH F . 7.97 2.55 -23.67
HO2' SAH F . 9.25 3.90 -24.87
H1' SAH F . 9.75 1.35 -25.55
H8 SAH F . 6.07 1.77 -24.86
HN61 SAH F . 5.02 2.33 -30.55
HN62 SAH F . 4.52 2.33 -29.11
#